data_5E2H
#
_entry.id   5E2H
#
_cell.length_a   127.779
_cell.length_b   73.682
_cell.length_c   113.413
_cell.angle_alpha   90.00
_cell.angle_beta   90.19
_cell.angle_gamma   90.00
#
_symmetry.space_group_name_H-M   'C 1 2 1'
#
loop_
_entity.id
_entity.type
_entity.pdbx_description
1 polymer Beta-lactamase
2 non-polymer 'CHLORIDE ION'
3 non-polymer GLYCEROL
4 water water
#
_entity_poly.entity_id   1
_entity_poly.type   'polypeptide(L)'
_entity_poly.pdbx_seq_one_letter_code
;SNADPSAAVARAFAPLLDQYDVPG(MSE)AVAVTVDGRQHFYEFGVVSKQTQAPVTRDTLFEIGSVSKTFTATLAGYAAT
RGVLNLDDHPGRYLPALAGTPIDRAELRNLGTYTAGGLPLQFPESVTDDEQ(MSE)IAYFQQFQPVTAPGKIRQYSNPSV
GLLGHISARALGGQFTDL(MSE)QSQILTGLGLRRSFVDVTDEA(MSE)DFYAWGYDKKNHPVRVNPGVFDAEAYGVKST
TAD(MSE)IRFIEHNIDPGALEPTLREAVKSTQVGYYKVGP(MSE)VQDLGWEQYPYPVALDQLLAGNSGE(MSE)A
(MSE)SPQAATAIAPPSVGSALFNKTGSTDGFGAYAAFVPERRIGIV(MSE)LANKNFPIPARVTAAHTVLDALDA
;
_entity_poly.pdbx_strand_id   A,B,C
#
# COMPACT_ATOMS: atom_id res chain seq x y z
N ALA A 3 -20.30 -19.58 -4.69
CA ALA A 3 -19.12 -19.86 -5.51
C ALA A 3 -18.00 -18.84 -5.28
N ASP A 4 -18.27 -17.84 -4.43
CA ASP A 4 -17.27 -16.84 -4.06
C ASP A 4 -16.64 -17.23 -2.73
N PRO A 5 -15.36 -17.60 -2.70
CA PRO A 5 -14.75 -18.07 -1.45
C PRO A 5 -14.29 -16.97 -0.50
N SER A 6 -14.56 -15.69 -0.78
CA SER A 6 -13.85 -14.61 -0.09
C SER A 6 -14.19 -14.58 1.40
N ALA A 7 -15.48 -14.62 1.73
CA ALA A 7 -15.88 -14.53 3.14
C ALA A 7 -15.32 -15.71 3.94
N ALA A 8 -15.34 -16.91 3.34
CA ALA A 8 -14.82 -18.09 4.03
C ALA A 8 -13.31 -17.99 4.22
N VAL A 9 -12.59 -17.45 3.22
CA VAL A 9 -11.15 -17.31 3.37
C VAL A 9 -10.82 -16.32 4.49
N ALA A 10 -11.57 -15.21 4.56
CA ALA A 10 -11.30 -14.25 5.63
C ALA A 10 -11.53 -14.86 7.00
N ARG A 11 -12.59 -15.66 7.14
CA ARG A 11 -12.84 -16.26 8.45
C ARG A 11 -11.82 -17.34 8.78
N ALA A 12 -11.42 -18.14 7.79
CA ALA A 12 -10.57 -19.29 8.03
C ALA A 12 -9.08 -18.96 8.07
N PHE A 13 -8.61 -18.07 7.19
CA PHE A 13 -7.18 -17.83 7.06
C PHE A 13 -6.69 -16.59 7.78
N ALA A 14 -7.41 -15.47 7.72
CA ALA A 14 -6.95 -14.25 8.38
C ALA A 14 -6.55 -14.41 9.85
N PRO A 15 -7.28 -15.12 10.71
CA PRO A 15 -6.86 -15.23 12.12
C PRO A 15 -5.56 -15.98 12.33
N LEU A 16 -5.10 -16.72 11.32
CA LEU A 16 -3.94 -17.59 11.50
C LEU A 16 -2.68 -16.78 11.76
N LEU A 17 -2.57 -15.59 11.19
CA LEU A 17 -1.31 -14.86 11.32
C LEU A 17 -1.05 -14.49 12.78
N ASP A 18 -2.06 -13.95 13.46
CA ASP A 18 -1.87 -13.64 14.87
C ASP A 18 -1.80 -14.91 15.71
N GLN A 19 -2.56 -15.94 15.35
CA GLN A 19 -2.60 -17.13 16.20
C GLN A 19 -1.25 -17.84 16.21
N TYR A 20 -0.58 -17.93 15.05
CA TYR A 20 0.66 -18.68 14.93
C TYR A 20 1.87 -17.78 14.68
N ASP A 21 1.73 -16.46 14.84
CA ASP A 21 2.84 -15.52 14.66
C ASP A 21 3.45 -15.66 13.27
N VAL A 22 2.59 -15.70 12.26
CA VAL A 22 3.02 -15.90 10.88
C VAL A 22 3.20 -14.52 10.26
N PRO A 23 4.41 -14.15 9.80
CA PRO A 23 4.55 -12.80 9.23
C PRO A 23 3.68 -12.58 8.00
N GLY A 24 3.61 -13.54 7.09
CA GLY A 24 2.94 -13.34 5.81
C GLY A 24 2.38 -14.62 5.24
N ALA A 26 -0.07 -16.11 1.64
CA ALA A 26 -0.82 -15.95 0.41
C ALA A 26 -1.69 -17.17 0.14
N VAL A 27 -2.92 -16.93 -0.28
CA VAL A 27 -3.89 -17.99 -0.57
C VAL A 27 -4.47 -17.72 -1.95
N ALA A 28 -4.66 -18.78 -2.71
CA ALA A 28 -5.41 -18.68 -3.95
C ALA A 28 -6.42 -19.82 -3.99
N VAL A 29 -7.63 -19.51 -4.48
CA VAL A 29 -8.70 -20.50 -4.62
C VAL A 29 -9.11 -20.49 -6.08
N THR A 30 -9.35 -21.68 -6.66
CA THR A 30 -9.91 -21.74 -8.00
C THR A 30 -11.26 -22.43 -7.92
N VAL A 31 -12.25 -21.85 -8.59
CA VAL A 31 -13.63 -22.33 -8.60
C VAL A 31 -14.10 -22.25 -10.05
N ASP A 32 -14.21 -23.41 -10.70
CA ASP A 32 -14.64 -23.51 -12.10
C ASP A 32 -13.86 -22.53 -13.00
N GLY A 33 -12.55 -22.50 -12.83
CA GLY A 33 -11.71 -21.70 -13.67
C GLY A 33 -11.50 -20.27 -13.23
N ARG A 34 -12.30 -19.76 -12.28
N ARG A 34 -12.30 -19.77 -12.29
CA ARG A 34 -12.11 -18.40 -11.81
CA ARG A 34 -12.14 -18.42 -11.77
C ARG A 34 -11.19 -18.39 -10.60
C ARG A 34 -11.15 -18.45 -10.61
N GLN A 35 -10.13 -17.60 -10.67
CA GLN A 35 -9.09 -17.56 -9.66
C GLN A 35 -9.34 -16.40 -8.70
N HIS A 36 -9.20 -16.69 -7.40
CA HIS A 36 -9.35 -15.72 -6.34
C HIS A 36 -8.07 -15.69 -5.51
N PHE A 37 -7.52 -14.49 -5.30
CA PHE A 37 -6.25 -14.32 -4.60
C PHE A 37 -6.47 -13.51 -3.34
N TYR A 38 -5.79 -13.94 -2.27
CA TYR A 38 -5.89 -13.28 -0.97
C TYR A 38 -4.49 -13.23 -0.38
N GLU A 39 -4.08 -12.06 0.09
CA GLU A 39 -2.78 -11.97 0.74
C GLU A 39 -2.91 -11.32 2.10
N PHE A 40 -2.03 -11.73 3.01
CA PHE A 40 -2.02 -11.24 4.37
C PHE A 40 -0.59 -10.97 4.83
N GLY A 41 -0.37 -9.84 5.50
CA GLY A 41 0.95 -9.73 6.14
C GLY A 41 2.09 -9.41 5.17
N VAL A 42 3.30 -9.78 5.58
CA VAL A 42 4.50 -9.20 4.96
C VAL A 42 5.48 -10.31 4.59
N VAL A 43 6.31 -10.03 3.57
CA VAL A 43 7.31 -10.98 3.11
C VAL A 43 8.53 -11.02 4.03
N SER A 44 8.73 -9.97 4.82
CA SER A 44 9.91 -9.82 5.65
C SER A 44 9.57 -8.93 6.83
N LYS A 45 9.96 -9.34 8.04
CA LYS A 45 9.74 -8.51 9.20
C LYS A 45 10.58 -7.24 9.15
N GLN A 46 11.69 -7.29 8.41
CA GLN A 46 12.55 -6.12 8.31
C GLN A 46 12.02 -5.10 7.31
N THR A 47 11.61 -5.53 6.11
CA THR A 47 11.16 -4.56 5.12
C THR A 47 9.69 -4.20 5.25
N GLN A 48 8.89 -5.11 5.81
CA GLN A 48 7.44 -4.94 5.94
C GLN A 48 6.75 -4.82 4.58
N ALA A 49 7.40 -5.24 3.50
CA ALA A 49 6.75 -5.23 2.21
C ALA A 49 5.63 -6.28 2.16
N PRO A 50 4.50 -5.97 1.54
CA PRO A 50 3.34 -6.87 1.58
C PRO A 50 3.53 -8.11 0.71
N VAL A 51 3.03 -9.23 1.21
CA VAL A 51 2.85 -10.43 0.39
C VAL A 51 1.96 -10.10 -0.80
N THR A 52 2.33 -10.62 -1.96
CA THR A 52 1.51 -10.52 -3.17
C THR A 52 1.34 -11.90 -3.77
N ARG A 53 0.46 -12.02 -4.78
CA ARG A 53 0.35 -13.29 -5.48
C ARG A 53 1.61 -13.66 -6.27
N ASP A 54 2.59 -12.75 -6.36
CA ASP A 54 3.85 -13.01 -7.04
C ASP A 54 5.02 -13.16 -6.07
N THR A 55 4.76 -13.22 -4.77
CA THR A 55 5.80 -13.49 -3.80
C THR A 55 6.20 -14.97 -3.87
N LEU A 56 7.51 -15.22 -3.90
CA LEU A 56 8.06 -16.58 -3.89
C LEU A 56 8.17 -17.09 -2.47
N PHE A 57 7.59 -18.27 -2.21
CA PHE A 57 7.68 -18.98 -0.93
C PHE A 57 8.29 -20.35 -1.19
N GLU A 58 8.95 -20.90 -0.18
CA GLU A 58 9.37 -22.29 -0.25
C GLU A 58 8.17 -23.19 -0.04
N ILE A 59 7.95 -24.14 -0.94
CA ILE A 59 6.82 -25.05 -0.78
C ILE A 59 7.21 -26.36 -0.12
N GLY A 60 8.50 -26.57 0.17
CA GLY A 60 8.90 -27.77 0.89
C GLY A 60 8.45 -29.01 0.15
N SER A 61 7.91 -29.97 0.91
CA SER A 61 7.56 -31.27 0.31
C SER A 61 6.40 -31.21 -0.69
N VAL A 62 5.71 -30.08 -0.85
CA VAL A 62 4.83 -30.00 -2.00
C VAL A 62 5.65 -30.17 -3.27
N SER A 63 6.98 -29.97 -3.18
CA SER A 63 7.87 -30.23 -4.32
C SER A 63 7.78 -31.67 -4.81
N LYS A 64 7.43 -32.60 -3.93
CA LYS A 64 7.32 -33.99 -4.35
C LYS A 64 6.21 -34.19 -5.37
N THR A 65 5.20 -33.30 -5.44
CA THR A 65 4.24 -33.43 -6.52
C THR A 65 4.89 -33.06 -7.85
N PHE A 66 5.81 -32.10 -7.86
CA PHE A 66 6.55 -31.82 -9.08
C PHE A 66 7.50 -32.96 -9.43
N THR A 67 8.18 -33.53 -8.44
CA THR A 67 9.07 -34.66 -8.75
C THR A 67 8.30 -35.85 -9.32
N ALA A 68 7.12 -36.14 -8.75
CA ALA A 68 6.23 -37.15 -9.32
C ALA A 68 5.87 -36.84 -10.76
N THR A 69 5.60 -35.56 -11.06
CA THR A 69 5.26 -35.17 -12.43
C THR A 69 6.45 -35.41 -13.36
N LEU A 70 7.67 -35.11 -12.89
CA LEU A 70 8.85 -35.41 -13.70
C LEU A 70 9.00 -36.91 -13.94
N ALA A 71 8.79 -37.71 -12.89
CA ALA A 71 8.83 -39.15 -13.05
C ALA A 71 7.75 -39.62 -14.01
N GLY A 72 6.57 -39.00 -13.94
CA GLY A 72 5.52 -39.34 -14.88
C GLY A 72 5.85 -38.94 -16.31
N TYR A 73 6.55 -37.81 -16.47
CA TYR A 73 7.02 -37.39 -17.79
C TYR A 73 8.01 -38.41 -18.36
N ALA A 74 8.97 -38.84 -17.54
CA ALA A 74 9.92 -39.87 -17.94
C ALA A 74 9.19 -41.16 -18.34
N ALA A 75 8.22 -41.59 -17.53
CA ALA A 75 7.51 -42.83 -17.83
C ALA A 75 6.69 -42.74 -19.12
N THR A 76 6.01 -41.60 -19.34
CA THR A 76 5.22 -41.45 -20.56
C THR A 76 6.11 -41.49 -21.79
N ARG A 77 7.30 -40.88 -21.70
CA ARG A 77 8.25 -40.91 -22.79
C ARG A 77 8.84 -42.29 -23.01
N GLY A 78 8.75 -43.18 -22.02
CA GLY A 78 9.31 -44.50 -22.14
C GLY A 78 10.78 -44.61 -21.80
N VAL A 79 11.38 -43.53 -21.29
CA VAL A 79 12.77 -43.63 -20.85
C VAL A 79 12.90 -44.42 -19.55
N LEU A 80 11.80 -44.61 -18.83
CA LEU A 80 11.81 -45.44 -17.64
C LEU A 80 10.44 -46.08 -17.46
N ASN A 81 10.40 -47.11 -16.62
CA ASN A 81 9.17 -47.78 -16.24
C ASN A 81 9.14 -47.83 -14.72
N LEU A 82 7.98 -47.52 -14.13
CA LEU A 82 7.91 -47.50 -12.68
C LEU A 82 8.17 -48.87 -12.05
N ASP A 83 8.12 -49.95 -12.83
CA ASP A 83 8.46 -51.24 -12.26
C ASP A 83 9.95 -51.54 -12.33
N ASP A 84 10.76 -50.62 -12.86
CA ASP A 84 12.18 -50.88 -12.96
C ASP A 84 12.82 -50.75 -11.58
N HIS A 85 14.02 -51.24 -11.47
CA HIS A 85 14.81 -51.15 -10.25
C HIS A 85 15.90 -50.10 -10.40
N PRO A 86 16.36 -49.48 -9.31
CA PRO A 86 17.33 -48.38 -9.43
C PRO A 86 18.60 -48.74 -10.20
N GLY A 87 19.06 -49.98 -10.11
CA GLY A 87 20.34 -50.37 -10.69
C GLY A 87 20.36 -50.37 -12.21
N ARG A 88 19.17 -50.39 -12.84
CA ARG A 88 19.09 -50.22 -14.28
C ARG A 88 19.55 -48.83 -14.71
N TYR A 89 19.50 -47.85 -13.82
CA TYR A 89 19.86 -46.47 -14.13
C TYR A 89 21.13 -46.01 -13.43
N LEU A 90 21.34 -46.44 -12.19
CA LEU A 90 22.56 -46.13 -11.44
C LEU A 90 23.33 -47.43 -11.25
N PRO A 91 24.31 -47.73 -12.10
CA PRO A 91 24.97 -49.06 -12.01
C PRO A 91 25.56 -49.37 -10.65
N ALA A 92 25.97 -48.35 -9.88
CA ALA A 92 26.58 -48.61 -8.59
C ALA A 92 25.61 -49.19 -7.58
N LEU A 93 24.30 -49.09 -7.82
CA LEU A 93 23.30 -49.65 -6.92
C LEU A 93 22.83 -51.04 -7.32
N ALA A 94 23.25 -51.56 -8.46
CA ALA A 94 22.82 -52.88 -8.87
C ALA A 94 23.24 -53.93 -7.84
N GLY A 95 22.33 -54.83 -7.50
CA GLY A 95 22.65 -55.93 -6.60
C GLY A 95 22.62 -55.59 -5.13
N THR A 96 22.34 -54.35 -4.78
CA THR A 96 22.26 -53.94 -3.38
C THR A 96 20.86 -54.18 -2.83
N PRO A 97 20.71 -54.24 -1.50
CA PRO A 97 19.38 -54.51 -0.96
C PRO A 97 18.32 -53.51 -1.39
N ILE A 98 18.66 -52.22 -1.51
CA ILE A 98 17.66 -51.27 -1.95
C ILE A 98 17.24 -51.55 -3.39
N ASP A 99 18.06 -52.28 -4.16
CA ASP A 99 17.72 -52.56 -5.54
C ASP A 99 16.56 -53.55 -5.66
N ARG A 100 16.10 -54.14 -4.54
CA ARG A 100 14.89 -54.94 -4.56
C ARG A 100 13.65 -54.08 -4.75
N ALA A 101 13.75 -52.80 -4.41
CA ALA A 101 12.63 -51.86 -4.58
C ALA A 101 12.48 -51.48 -6.05
N GLU A 102 11.25 -51.15 -6.42
CA GLU A 102 10.92 -50.61 -7.73
C GLU A 102 10.80 -49.10 -7.63
N LEU A 103 10.93 -48.41 -8.77
CA LEU A 103 10.78 -46.96 -8.73
C LEU A 103 9.44 -46.55 -8.12
N ARG A 104 8.39 -47.36 -8.34
CA ARG A 104 7.08 -47.05 -7.76
C ARG A 104 7.15 -47.04 -6.23
N ASN A 105 7.95 -47.96 -5.65
CA ASN A 105 8.08 -47.97 -4.20
C ASN A 105 8.79 -46.71 -3.71
N LEU A 106 9.77 -46.23 -4.47
CA LEU A 106 10.46 -45.00 -4.08
C LEU A 106 9.49 -43.83 -4.03
N GLY A 107 8.58 -43.76 -4.99
CA GLY A 107 7.64 -42.65 -5.09
C GLY A 107 6.48 -42.70 -4.11
N THR A 108 6.23 -43.86 -3.50
CA THR A 108 5.15 -44.05 -2.54
C THR A 108 5.66 -44.31 -1.12
N TYR A 109 6.96 -44.11 -0.88
CA TYR A 109 7.59 -44.30 0.43
C TYR A 109 7.48 -45.73 0.94
N THR A 110 7.39 -46.71 0.02
CA THR A 110 7.25 -48.12 0.37
C THR A 110 8.46 -48.95 -0.05
N ALA A 111 9.64 -48.31 -0.17
CA ALA A 111 10.81 -49.01 -0.72
C ALA A 111 11.49 -49.93 0.28
N GLY A 112 11.21 -49.79 1.57
CA GLY A 112 11.77 -50.70 2.56
C GLY A 112 12.29 -50.00 3.79
N GLY A 113 11.76 -48.81 4.07
CA GLY A 113 12.08 -48.12 5.29
C GLY A 113 13.18 -47.09 5.19
N LEU A 114 13.41 -46.55 4.01
CA LEU A 114 14.23 -45.35 3.93
C LEU A 114 13.70 -44.32 4.92
N PRO A 115 14.58 -43.66 5.65
CA PRO A 115 14.15 -42.76 6.74
C PRO A 115 13.63 -41.43 6.22
N LEU A 116 13.09 -40.65 7.16
CA LEU A 116 12.58 -39.31 6.86
C LEU A 116 13.65 -38.47 6.16
N GLN A 117 14.87 -38.43 6.72
CA GLN A 117 15.97 -37.64 6.21
C GLN A 117 17.23 -38.50 6.09
N PHE A 118 18.13 -38.11 5.19
CA PHE A 118 19.47 -38.69 5.18
C PHE A 118 20.14 -38.48 6.54
N PRO A 119 21.01 -39.40 6.95
CA PRO A 119 21.88 -39.12 8.10
C PRO A 119 22.68 -37.86 7.83
N GLU A 120 23.10 -37.20 8.92
CA GLU A 120 23.85 -35.95 8.78
C GLU A 120 25.18 -36.16 8.07
N SER A 121 25.68 -37.39 8.02
CA SER A 121 26.96 -37.65 7.37
C SER A 121 26.88 -37.64 5.85
N VAL A 122 25.69 -37.71 5.27
CA VAL A 122 25.53 -37.69 3.82
C VAL A 122 25.46 -36.24 3.36
N THR A 123 26.53 -35.76 2.72
CA THR A 123 26.61 -34.36 2.33
C THR A 123 26.96 -34.13 0.86
N ASP A 124 27.22 -35.18 0.07
CA ASP A 124 27.52 -35.00 -1.34
C ASP A 124 27.06 -36.24 -2.11
N ASP A 125 27.26 -36.22 -3.43
CA ASP A 125 26.79 -37.29 -4.30
C ASP A 125 27.54 -38.60 -4.04
N GLU A 126 28.85 -38.52 -3.75
CA GLU A 126 29.60 -39.73 -3.43
C GLU A 126 29.03 -40.40 -2.18
N GLN A 127 28.86 -39.62 -1.11
CA GLN A 127 28.28 -40.15 0.12
C GLN A 127 26.84 -40.61 -0.10
N ILE A 129 25.64 -42.07 -2.88
CA ILE A 129 25.73 -43.40 -3.50
C ILE A 129 26.09 -44.44 -2.46
N ALA A 130 27.11 -44.14 -1.63
CA ALA A 130 27.54 -45.10 -0.63
C ALA A 130 26.44 -45.37 0.39
N TYR A 131 25.67 -44.33 0.74
CA TYR A 131 24.56 -44.50 1.68
C TYR A 131 23.55 -45.51 1.14
N PHE A 132 23.12 -45.33 -0.12
CA PHE A 132 22.14 -46.28 -0.66
C PHE A 132 22.74 -47.67 -0.85
N GLN A 133 24.05 -47.78 -1.15
CA GLN A 133 24.65 -49.09 -1.32
C GLN A 133 24.63 -49.88 -0.01
N GLN A 134 24.82 -49.19 1.10
CA GLN A 134 24.94 -49.79 2.42
C GLN A 134 23.61 -49.94 3.15
N PHE A 135 22.54 -49.37 2.60
CA PHE A 135 21.27 -49.33 3.31
C PHE A 135 20.69 -50.73 3.42
N GLN A 136 20.30 -51.11 4.64
CA GLN A 136 19.68 -52.41 4.89
C GLN A 136 18.19 -52.20 5.14
N PRO A 137 17.30 -52.60 4.23
CA PRO A 137 15.87 -52.35 4.45
C PRO A 137 15.36 -53.08 5.68
N VAL A 138 14.44 -52.41 6.39
CA VAL A 138 13.85 -52.97 7.60
C VAL A 138 12.57 -53.73 7.29
N THR A 139 12.07 -53.65 6.06
CA THR A 139 10.89 -54.42 5.66
C THR A 139 10.92 -54.60 4.14
N ALA A 140 10.06 -55.50 3.67
CA ALA A 140 9.98 -55.80 2.24
C ALA A 140 9.31 -54.66 1.49
N PRO A 141 9.63 -54.47 0.21
CA PRO A 141 9.01 -53.38 -0.54
C PRO A 141 7.50 -53.58 -0.65
N GLY A 142 6.77 -52.46 -0.58
CA GLY A 142 5.34 -52.46 -0.78
C GLY A 142 4.49 -52.77 0.43
N LYS A 143 5.09 -53.03 1.59
CA LYS A 143 4.31 -53.42 2.77
C LYS A 143 4.17 -52.31 3.80
N ILE A 144 5.16 -51.42 3.90
CA ILE A 144 5.21 -50.40 4.93
C ILE A 144 5.44 -49.05 4.27
N ARG A 145 4.63 -48.05 4.63
CA ARG A 145 4.86 -46.69 4.18
C ARG A 145 5.60 -45.92 5.28
N GLN A 146 6.77 -45.38 4.93
CA GLN A 146 7.57 -44.57 5.85
C GLN A 146 7.96 -43.31 5.09
N TYR A 147 7.33 -42.19 5.45
CA TYR A 147 7.53 -40.96 4.68
C TYR A 147 9.02 -40.57 4.69
N SER A 148 9.52 -40.19 3.51
CA SER A 148 10.97 -40.22 3.29
C SER A 148 11.38 -39.23 2.22
N ASN A 149 12.26 -38.28 2.58
CA ASN A 149 12.89 -37.43 1.57
C ASN A 149 13.88 -38.20 0.70
N PRO A 150 14.83 -38.97 1.24
CA PRO A 150 15.73 -39.76 0.36
C PRO A 150 15.00 -40.60 -0.66
N SER A 151 13.82 -41.13 -0.28
CA SER A 151 13.08 -42.02 -1.16
C SER A 151 12.64 -41.32 -2.44
N VAL A 152 11.88 -40.21 -2.31
CA VAL A 152 11.45 -39.45 -3.49
C VAL A 152 12.65 -38.76 -4.13
N GLY A 153 13.61 -38.30 -3.33
CA GLY A 153 14.84 -37.77 -3.88
C GLY A 153 15.48 -38.70 -4.88
N LEU A 154 15.63 -39.99 -4.52
CA LEU A 154 16.25 -40.94 -5.43
C LEU A 154 15.43 -41.13 -6.70
N LEU A 155 14.10 -41.16 -6.56
CA LEU A 155 13.25 -41.25 -7.75
C LEU A 155 13.49 -40.08 -8.70
N GLY A 156 13.64 -38.87 -8.16
CA GLY A 156 13.91 -37.73 -9.02
C GLY A 156 15.28 -37.80 -9.65
N HIS A 157 16.28 -38.27 -8.88
CA HIS A 157 17.63 -38.44 -9.42
C HIS A 157 17.62 -39.42 -10.59
N ILE A 158 16.89 -40.53 -10.42
CA ILE A 158 16.82 -41.54 -11.47
C ILE A 158 16.04 -41.01 -12.68
N SER A 159 14.96 -40.24 -12.44
CA SER A 159 14.23 -39.66 -13.56
C SER A 159 15.14 -38.79 -14.41
N ALA A 160 15.93 -37.93 -13.76
CA ALA A 160 16.89 -37.09 -14.49
C ALA A 160 17.88 -37.93 -15.28
N ARG A 161 18.47 -38.94 -14.63
CA ARG A 161 19.43 -39.81 -15.31
C ARG A 161 18.81 -40.47 -16.52
N ALA A 162 17.61 -41.04 -16.36
CA ALA A 162 16.93 -41.63 -17.50
C ALA A 162 16.77 -40.62 -18.64
N LEU A 163 16.23 -39.43 -18.33
CA LEU A 163 16.00 -38.43 -19.37
C LEU A 163 17.28 -37.82 -19.91
N GLY A 164 18.43 -38.08 -19.30
CA GLY A 164 19.70 -37.68 -19.85
C GLY A 164 20.11 -36.25 -19.56
N GLY A 165 19.67 -35.68 -18.43
CA GLY A 165 20.09 -34.35 -18.09
C GLY A 165 20.16 -34.16 -16.58
N GLN A 166 20.53 -32.94 -16.18
CA GLN A 166 20.49 -32.56 -14.77
C GLN A 166 19.06 -32.35 -14.31
N PHE A 167 18.76 -32.84 -13.09
CA PHE A 167 17.41 -32.71 -12.55
C PHE A 167 16.93 -31.27 -12.59
N THR A 168 17.76 -30.34 -12.12
CA THR A 168 17.37 -28.94 -12.04
C THR A 168 16.99 -28.40 -13.42
N ASP A 169 17.80 -28.69 -14.44
CA ASP A 169 17.54 -28.19 -15.78
C ASP A 169 16.27 -28.80 -16.35
N LEU A 170 16.08 -30.12 -16.15
CA LEU A 170 14.89 -30.79 -16.67
C LEU A 170 13.63 -30.29 -15.98
N GLN A 172 13.17 -27.42 -14.49
N GLN A 172 13.15 -27.40 -14.51
CA GLN A 172 12.90 -26.04 -14.84
CA GLN A 172 12.84 -26.01 -14.83
C GLN A 172 12.33 -25.93 -16.25
C GLN A 172 12.35 -25.86 -16.27
N SER A 173 12.96 -26.59 -17.21
CA SER A 173 12.57 -26.43 -18.61
C SER A 173 11.35 -27.27 -18.97
N GLN A 174 11.40 -28.58 -18.69
CA GLN A 174 10.36 -29.48 -19.19
C GLN A 174 9.10 -29.45 -18.35
N ILE A 175 9.22 -29.29 -17.04
CA ILE A 175 8.05 -29.35 -16.16
C ILE A 175 7.55 -27.94 -15.81
N LEU A 176 8.37 -27.14 -15.13
CA LEU A 176 7.88 -25.84 -14.66
C LEU A 176 7.52 -24.95 -15.85
N THR A 177 8.48 -24.66 -16.73
CA THR A 177 8.19 -23.87 -17.93
C THR A 177 7.13 -24.54 -18.79
N GLY A 178 7.22 -25.86 -18.97
CA GLY A 178 6.23 -26.57 -19.76
C GLY A 178 4.81 -26.35 -19.26
N LEU A 179 4.64 -26.26 -17.94
CA LEU A 179 3.33 -26.04 -17.36
C LEU A 179 2.97 -24.57 -17.27
N GLY A 180 3.78 -23.68 -17.84
CA GLY A 180 3.46 -22.27 -17.74
C GLY A 180 3.76 -21.65 -16.40
N LEU A 181 4.59 -22.29 -15.57
CA LEU A 181 4.94 -21.80 -14.24
C LEU A 181 6.25 -21.04 -14.38
N ARG A 182 6.16 -19.79 -14.85
N ARG A 182 6.13 -19.74 -14.69
CA ARG A 182 7.35 -19.00 -15.16
CA ARG A 182 7.25 -18.88 -15.07
C ARG A 182 7.88 -18.24 -13.96
C ARG A 182 7.95 -18.23 -13.89
N ARG A 183 7.25 -18.38 -12.79
N ARG A 183 7.32 -18.12 -12.73
CA ARG A 183 7.74 -17.75 -11.56
CA ARG A 183 8.00 -17.69 -11.51
C ARG A 183 8.00 -18.82 -10.49
C ARG A 183 8.03 -18.81 -10.47
N SER A 184 8.32 -20.03 -10.92
CA SER A 184 8.58 -21.14 -10.03
C SER A 184 9.97 -21.66 -10.35
N PHE A 185 10.74 -22.00 -9.32
CA PHE A 185 12.16 -22.28 -9.53
C PHE A 185 12.64 -23.35 -8.58
N VAL A 186 13.60 -24.17 -9.02
CA VAL A 186 14.42 -24.85 -8.02
C VAL A 186 15.55 -23.94 -7.58
N ASP A 187 16.19 -23.24 -8.52
CA ASP A 187 17.17 -22.20 -8.22
C ASP A 187 16.61 -20.84 -8.64
N VAL A 188 16.30 -19.98 -7.67
CA VAL A 188 15.71 -18.68 -7.98
C VAL A 188 16.73 -17.83 -8.71
N THR A 189 16.31 -17.22 -9.81
CA THR A 189 17.18 -16.41 -10.64
C THR A 189 17.52 -15.10 -9.95
N ASP A 190 18.57 -14.45 -10.45
CA ASP A 190 18.91 -13.12 -9.96
C ASP A 190 17.72 -12.17 -10.06
N GLU A 191 16.98 -12.25 -11.17
CA GLU A 191 15.84 -11.36 -11.37
C GLU A 191 14.73 -11.61 -10.35
N ALA A 192 14.36 -12.88 -10.17
CA ALA A 192 13.24 -13.21 -9.30
C ALA A 192 13.59 -13.08 -7.82
N ASP A 194 14.30 -10.65 -5.92
CA ASP A 194 13.59 -9.55 -5.25
C ASP A 194 12.24 -9.99 -4.71
N PHE A 195 11.64 -11.04 -5.27
CA PHE A 195 10.32 -11.49 -4.88
C PHE A 195 10.34 -12.60 -3.85
N TYR A 196 11.51 -13.11 -3.49
CA TYR A 196 11.58 -14.28 -2.60
C TYR A 196 11.37 -13.79 -1.16
N ALA A 197 10.33 -14.28 -0.49
CA ALA A 197 10.12 -13.91 0.90
C ALA A 197 11.24 -14.44 1.79
N TRP A 198 11.28 -13.95 3.03
CA TRP A 198 12.11 -14.58 4.06
C TRP A 198 11.21 -15.48 4.89
N GLY A 199 11.76 -16.61 5.35
CA GLY A 199 11.05 -17.48 6.25
C GLY A 199 11.44 -17.17 7.68
N TYR A 200 10.61 -17.60 8.63
CA TYR A 200 10.87 -17.23 10.02
C TYR A 200 10.79 -18.48 10.88
N ASP A 201 11.91 -18.83 11.51
CA ASP A 201 12.01 -20.12 12.21
C ASP A 201 11.35 -20.00 13.59
N LYS A 202 11.56 -21.02 14.44
CA LYS A 202 10.92 -21.06 15.75
C LYS A 202 11.31 -19.89 16.63
N LYS A 203 12.52 -19.37 16.50
CA LYS A 203 12.95 -18.21 17.26
C LYS A 203 12.75 -16.91 16.52
N ASN A 204 11.95 -16.93 15.45
CA ASN A 204 11.65 -15.75 14.61
C ASN A 204 12.89 -15.20 13.91
N HIS A 205 13.91 -16.09 13.66
CA HIS A 205 15.03 -15.58 12.87
C HIS A 205 14.71 -15.75 11.38
N PRO A 206 15.15 -14.82 10.54
CA PRO A 206 14.91 -14.96 9.09
C PRO A 206 15.80 -16.06 8.53
N VAL A 207 15.19 -17.00 7.79
CA VAL A 207 15.91 -18.14 7.24
C VAL A 207 15.36 -18.47 5.85
N ARG A 208 16.19 -19.16 5.07
CA ARG A 208 15.76 -19.82 3.85
C ARG A 208 16.33 -21.23 3.86
N VAL A 209 15.80 -22.10 2.98
CA VAL A 209 16.13 -23.53 3.06
C VAL A 209 17.60 -23.74 2.81
N ASN A 210 18.23 -24.55 3.66
CA ASN A 210 19.67 -24.82 3.54
C ASN A 210 19.95 -25.88 2.47
N PRO A 211 21.14 -25.85 1.86
CA PRO A 211 21.44 -26.85 0.83
C PRO A 211 21.57 -28.22 1.47
N GLY A 212 21.14 -29.25 0.73
CA GLY A 212 21.27 -30.60 1.21
C GLY A 212 21.18 -31.57 0.06
N VAL A 213 21.57 -32.82 0.33
CA VAL A 213 21.51 -33.83 -0.72
C VAL A 213 20.07 -34.05 -1.14
N PHE A 214 19.84 -34.06 -2.44
CA PHE A 214 18.49 -34.20 -3.01
C PHE A 214 17.54 -33.08 -2.54
N ASP A 215 18.05 -31.87 -2.23
CA ASP A 215 17.14 -30.80 -1.85
C ASP A 215 16.21 -30.44 -3.00
N ALA A 216 16.77 -30.25 -4.20
CA ALA A 216 15.91 -29.90 -5.34
C ALA A 216 14.88 -30.97 -5.59
N GLU A 217 15.28 -32.24 -5.42
CA GLU A 217 14.44 -33.38 -5.78
C GLU A 217 13.33 -33.65 -4.76
N ALA A 218 13.54 -33.34 -3.47
CA ALA A 218 12.58 -33.68 -2.43
C ALA A 218 11.83 -32.50 -1.83
N TYR A 219 12.40 -31.30 -1.82
CA TYR A 219 11.73 -30.23 -1.09
C TYR A 219 12.19 -28.84 -1.53
N GLY A 220 12.71 -28.67 -2.73
CA GLY A 220 13.45 -27.47 -3.06
C GLY A 220 12.78 -26.46 -3.96
N VAL A 221 11.52 -26.65 -4.34
CA VAL A 221 10.86 -25.71 -5.26
C VAL A 221 10.42 -24.46 -4.51
N LYS A 222 10.59 -23.31 -5.15
CA LYS A 222 10.02 -22.05 -4.71
C LYS A 222 8.98 -21.62 -5.73
N SER A 223 7.81 -21.17 -5.26
CA SER A 223 6.72 -20.85 -6.17
C SER A 223 5.87 -19.75 -5.56
N THR A 224 4.86 -19.33 -6.32
CA THR A 224 3.96 -18.22 -5.97
C THR A 224 2.53 -18.74 -6.01
N THR A 225 1.60 -18.01 -5.39
CA THR A 225 0.23 -18.51 -5.49
C THR A 225 -0.29 -18.39 -6.92
N ALA A 226 0.18 -17.40 -7.68
CA ALA A 226 -0.26 -17.30 -9.07
C ALA A 226 0.18 -18.53 -9.86
N ASP A 227 1.43 -18.99 -9.65
CA ASP A 227 1.89 -20.19 -10.33
C ASP A 227 1.23 -21.45 -9.74
N ILE A 229 -1.62 -21.93 -8.26
CA ILE A 229 -3.01 -22.13 -8.64
C ILE A 229 -3.11 -22.58 -10.10
N ARG A 230 -2.17 -22.14 -10.96
N ARG A 230 -2.17 -22.14 -10.95
CA ARG A 230 -2.14 -22.65 -12.33
CA ARG A 230 -2.11 -22.64 -12.32
C ARG A 230 -1.78 -24.14 -12.35
C ARG A 230 -1.78 -24.11 -12.36
N PHE A 231 -0.82 -24.54 -11.52
CA PHE A 231 -0.49 -25.96 -11.40
C PHE A 231 -1.69 -26.76 -10.93
N ILE A 232 -2.38 -26.25 -9.91
CA ILE A 232 -3.58 -26.93 -9.41
C ILE A 232 -4.64 -27.01 -10.49
N GLU A 233 -4.78 -25.94 -11.32
CA GLU A 233 -5.77 -26.00 -12.40
C GLU A 233 -5.39 -27.04 -13.45
N HIS A 234 -4.09 -27.19 -13.74
CA HIS A 234 -3.67 -28.29 -14.61
C HIS A 234 -4.06 -29.64 -14.02
N ASN A 235 -3.89 -29.80 -12.71
CA ASN A 235 -4.23 -31.08 -12.08
C ASN A 235 -5.73 -31.31 -12.09
N ILE A 236 -6.53 -30.24 -11.95
CA ILE A 236 -7.98 -30.37 -11.99
C ILE A 236 -8.43 -30.86 -13.37
N ASP A 237 -7.88 -30.27 -14.43
CA ASP A 237 -8.27 -30.63 -15.79
C ASP A 237 -7.04 -30.52 -16.69
N PRO A 238 -6.28 -31.61 -16.82
CA PRO A 238 -5.09 -31.58 -17.66
C PRO A 238 -5.38 -31.65 -19.15
N GLY A 239 -6.65 -31.52 -19.55
CA GLY A 239 -7.03 -31.78 -20.93
C GLY A 239 -6.45 -30.76 -21.90
N ALA A 240 -6.19 -29.55 -21.44
CA ALA A 240 -5.61 -28.52 -22.30
C ALA A 240 -4.12 -28.70 -22.51
N LEU A 241 -3.47 -29.60 -21.77
CA LEU A 241 -2.04 -29.79 -21.88
C LEU A 241 -1.69 -30.61 -23.11
N GLU A 242 -0.53 -30.31 -23.66
CA GLU A 242 0.15 -31.19 -24.60
C GLU A 242 0.19 -32.61 -24.03
N PRO A 243 0.02 -33.65 -24.86
CA PRO A 243 -0.13 -35.02 -24.34
C PRO A 243 0.96 -35.52 -23.41
N THR A 244 2.24 -35.22 -23.65
CA THR A 244 3.28 -35.70 -22.75
C THR A 244 3.07 -35.15 -21.33
N LEU A 245 2.93 -33.83 -21.20
CA LEU A 245 2.66 -33.23 -19.90
C LEU A 245 1.30 -33.66 -19.35
N ARG A 246 0.30 -33.80 -20.23
N ARG A 246 0.30 -33.79 -20.23
CA ARG A 246 -1.01 -34.24 -19.76
CA ARG A 246 -1.02 -34.24 -19.77
C ARG A 246 -0.92 -35.58 -19.03
C ARG A 246 -0.91 -35.57 -19.03
N GLU A 247 -0.27 -36.56 -19.65
CA GLU A 247 -0.10 -37.85 -19.00
C GLU A 247 0.81 -37.75 -17.77
N ALA A 248 1.82 -36.87 -17.81
CA ALA A 248 2.66 -36.70 -16.62
C ALA A 248 1.83 -36.23 -15.44
N VAL A 249 0.93 -35.28 -15.67
CA VAL A 249 0.07 -34.81 -14.59
C VAL A 249 -0.90 -35.92 -14.16
N LYS A 250 -1.54 -36.60 -15.13
CA LYS A 250 -2.50 -37.63 -14.76
C LYS A 250 -1.83 -38.72 -13.96
N SER A 251 -0.55 -39.01 -14.24
CA SER A 251 0.14 -40.09 -13.56
C SER A 251 0.27 -39.87 -12.06
N THR A 252 0.15 -38.60 -11.60
CA THR A 252 0.26 -38.30 -10.17
C THR A 252 -1.05 -38.51 -9.43
N GLN A 253 -2.12 -38.86 -10.14
CA GLN A 253 -3.45 -38.98 -9.54
C GLN A 253 -3.92 -40.43 -9.47
N VAL A 254 -3.02 -41.37 -9.68
CA VAL A 254 -3.32 -42.80 -9.63
C VAL A 254 -3.02 -43.28 -8.21
N GLY A 255 -4.03 -43.82 -7.53
CA GLY A 255 -3.82 -44.34 -6.19
C GLY A 255 -3.18 -45.72 -6.23
N TYR A 256 -2.15 -45.92 -5.41
CA TYR A 256 -1.44 -47.19 -5.40
C TYR A 256 -1.53 -47.97 -4.10
N TYR A 257 -1.72 -47.30 -2.96
CA TYR A 257 -1.80 -47.95 -1.67
C TYR A 257 -2.90 -47.34 -0.83
N LYS A 258 -3.62 -48.18 -0.10
CA LYS A 258 -4.44 -47.71 1.01
C LYS A 258 -3.59 -47.73 2.27
N VAL A 259 -3.54 -46.60 2.96
CA VAL A 259 -2.81 -46.46 4.23
C VAL A 259 -3.79 -45.84 5.21
N GLY A 260 -4.56 -46.68 5.90
CA GLY A 260 -5.58 -46.17 6.78
C GLY A 260 -6.53 -45.24 6.04
N PRO A 261 -6.71 -44.02 6.55
CA PRO A 261 -7.69 -43.09 5.97
C PRO A 261 -7.24 -42.42 4.68
N VAL A 263 -5.03 -42.53 0.69
CA VAL A 263 -4.55 -43.33 -0.44
C VAL A 263 -3.31 -42.62 -0.98
N GLN A 264 -2.22 -43.38 -1.14
CA GLN A 264 -0.93 -42.85 -1.58
C GLN A 264 -0.79 -42.96 -3.10
N ASP A 265 -0.61 -41.81 -3.77
CA ASP A 265 -0.20 -41.70 -5.17
C ASP A 265 1.30 -41.50 -5.22
N LEU A 266 1.82 -41.27 -6.43
CA LEU A 266 3.09 -40.58 -6.58
C LEU A 266 2.84 -39.09 -6.39
N GLY A 267 3.45 -38.49 -5.35
CA GLY A 267 3.24 -37.09 -5.05
C GLY A 267 2.00 -36.79 -4.21
N TRP A 268 0.83 -36.81 -4.83
CA TRP A 268 -0.40 -36.47 -4.12
C TRP A 268 -0.79 -37.60 -3.16
N GLU A 269 -1.63 -37.23 -2.20
CA GLU A 269 -2.33 -38.15 -1.31
C GLU A 269 -3.81 -37.85 -1.43
N GLN A 270 -4.62 -38.91 -1.51
CA GLN A 270 -6.00 -38.73 -1.95
C GLN A 270 -6.99 -39.34 -0.96
N TYR A 271 -8.20 -38.80 -1.05
CA TYR A 271 -9.32 -38.99 -0.15
C TYR A 271 -10.60 -39.00 -0.97
N PRO A 272 -11.68 -39.56 -0.45
CA PRO A 272 -12.98 -39.34 -1.07
C PRO A 272 -13.37 -37.88 -0.93
N TYR A 273 -14.33 -37.46 -1.75
CA TYR A 273 -14.90 -36.12 -1.57
C TYR A 273 -16.41 -36.17 -1.83
N PRO A 274 -17.21 -35.53 -0.96
CA PRO A 274 -16.81 -34.78 0.24
C PRO A 274 -16.14 -35.70 1.28
N VAL A 275 -15.42 -35.09 2.19
CA VAL A 275 -14.60 -35.78 3.18
C VAL A 275 -14.80 -35.06 4.50
N ALA A 276 -14.96 -35.83 5.58
CA ALA A 276 -14.99 -35.20 6.89
C ALA A 276 -13.62 -34.63 7.19
N LEU A 277 -13.58 -33.43 7.79
CA LEU A 277 -12.28 -32.88 8.17
C LEU A 277 -11.51 -33.84 9.06
N ASP A 278 -12.20 -34.57 9.92
CA ASP A 278 -11.47 -35.50 10.78
C ASP A 278 -10.68 -36.52 9.96
N GLN A 279 -11.23 -36.99 8.83
CA GLN A 279 -10.50 -37.98 8.04
C GLN A 279 -9.28 -37.35 7.38
N LEU A 280 -9.43 -36.12 6.89
CA LEU A 280 -8.30 -35.36 6.36
C LEU A 280 -7.25 -35.09 7.43
N LEU A 281 -7.67 -34.80 8.66
CA LEU A 281 -6.68 -34.58 9.72
C LEU A 281 -5.98 -35.88 10.10
N ALA A 282 -6.71 -37.00 10.13
CA ALA A 282 -6.10 -38.30 10.40
C ALA A 282 -5.05 -38.64 9.35
N GLY A 283 -5.40 -38.44 8.06
CA GLY A 283 -4.46 -38.75 6.99
C GLY A 283 -3.24 -37.84 6.95
N ASN A 284 -3.35 -36.65 7.52
CA ASN A 284 -2.28 -35.66 7.54
C ASN A 284 -1.62 -35.56 8.92
N SER A 285 -1.78 -36.57 9.76
CA SER A 285 -1.30 -36.49 11.13
C SER A 285 0.22 -36.56 11.20
N GLY A 286 0.75 -36.13 12.34
CA GLY A 286 2.17 -36.28 12.60
C GLY A 286 2.61 -37.74 12.61
N GLU A 287 1.77 -38.62 13.15
N GLU A 287 1.77 -38.62 13.16
CA GLU A 287 2.15 -40.03 13.17
CA GLU A 287 2.10 -40.04 13.16
C GLU A 287 2.16 -40.65 11.78
C GLU A 287 2.25 -40.57 11.75
N ALA A 289 3.33 -39.07 9.19
CA ALA A 289 4.57 -38.59 8.60
C ALA A 289 5.82 -39.09 9.32
N SER A 291 6.02 -42.18 11.47
N SER A 291 6.08 -42.16 11.43
CA SER A 291 6.05 -43.57 11.89
CA SER A 291 6.13 -43.55 11.83
C SER A 291 5.73 -44.50 10.72
C SER A 291 5.78 -44.49 10.69
N PRO A 292 6.14 -45.77 10.80
CA PRO A 292 5.76 -46.72 9.75
C PRO A 292 4.28 -47.04 9.83
N GLN A 293 3.63 -47.10 8.67
CA GLN A 293 2.22 -47.48 8.59
C GLN A 293 2.02 -48.58 7.58
N ALA A 294 1.20 -49.57 7.92
CA ALA A 294 0.92 -50.66 7.01
C ALA A 294 0.29 -50.12 5.74
N ALA A 295 0.79 -50.56 4.59
CA ALA A 295 0.29 -50.12 3.30
C ALA A 295 -0.26 -51.32 2.55
N THR A 296 -1.42 -51.15 1.94
CA THR A 296 -2.09 -52.23 1.22
C THR A 296 -2.21 -51.84 -0.25
N ALA A 297 -1.61 -52.64 -1.12
CA ALA A 297 -1.69 -52.35 -2.55
C ALA A 297 -3.12 -52.46 -3.03
N ILE A 298 -3.57 -51.47 -3.79
CA ILE A 298 -4.94 -51.46 -4.29
C ILE A 298 -4.92 -51.18 -5.79
N ALA A 299 -6.00 -51.57 -6.45
N ALA A 299 -6.03 -51.49 -6.43
CA ALA A 299 -6.17 -51.14 -7.83
CA ALA A 299 -6.28 -50.98 -7.77
C ALA A 299 -6.42 -49.63 -7.85
C ALA A 299 -6.66 -49.51 -7.69
N PRO A 300 -6.00 -48.95 -8.92
N PRO A 300 -6.34 -48.73 -8.71
CA PRO A 300 -6.24 -47.50 -9.00
CA PRO A 300 -6.57 -47.27 -8.65
C PRO A 300 -7.71 -47.20 -8.85
C PRO A 300 -8.06 -46.96 -8.56
N PRO A 301 -8.12 -46.53 -7.76
N PRO A 301 -8.49 -46.20 -7.54
CA PRO A 301 -9.54 -46.21 -7.59
CA PRO A 301 -9.84 -45.64 -7.55
C PRO A 301 -9.92 -45.02 -8.43
C PRO A 301 -9.97 -44.59 -8.63
N SER A 302 -10.66 -45.27 -9.51
N SER A 302 -11.17 -44.45 -9.19
CA SER A 302 -11.26 -44.14 -10.23
CA SER A 302 -11.22 -43.74 -10.47
C SER A 302 -12.40 -43.57 -9.39
C SER A 302 -12.55 -43.07 -10.82
N VAL A 303 -12.05 -43.03 -8.21
N VAL A 303 -13.60 -43.29 -10.04
CA VAL A 303 -13.06 -42.44 -7.34
CA VAL A 303 -14.90 -42.73 -10.41
C VAL A 303 -13.75 -41.31 -8.10
C VAL A 303 -15.39 -41.80 -9.31
N GLY A 304 -15.06 -41.48 -8.34
N GLY A 304 -16.26 -40.89 -9.70
CA GLY A 304 -15.80 -40.47 -9.08
CA GLY A 304 -16.89 -40.00 -8.73
C GLY A 304 -15.56 -39.07 -8.57
C GLY A 304 -15.95 -38.88 -8.32
N SER A 305 -15.52 -38.91 -7.25
N SER A 305 -16.00 -38.53 -7.04
CA SER A 305 -15.28 -37.61 -6.63
CA SER A 305 -15.34 -37.36 -6.51
C SER A 305 -14.18 -37.81 -5.59
C SER A 305 -14.19 -37.78 -5.60
N ALA A 306 -13.02 -37.22 -5.83
CA ALA A 306 -11.85 -37.44 -4.98
C ALA A 306 -11.15 -36.12 -4.69
N LEU A 307 -10.56 -36.04 -3.51
CA LEU A 307 -9.75 -34.90 -3.14
C LEU A 307 -8.29 -35.32 -3.11
N PHE A 308 -7.41 -34.48 -3.66
CA PHE A 308 -5.97 -34.70 -3.64
C PHE A 308 -5.29 -33.59 -2.84
N ASN A 309 -4.30 -33.93 -2.03
CA ASN A 309 -3.63 -32.87 -1.29
C ASN A 309 -2.17 -33.20 -1.08
N LYS A 310 -1.42 -32.19 -0.63
CA LYS A 310 -0.04 -32.41 -0.18
C LYS A 310 0.36 -31.24 0.72
N THR A 311 0.88 -31.57 1.90
CA THR A 311 1.48 -30.59 2.80
C THR A 311 2.96 -30.43 2.50
N GLY A 312 3.53 -29.31 2.93
CA GLY A 312 4.97 -29.17 2.80
C GLY A 312 5.48 -28.08 3.69
N SER A 313 6.69 -28.26 4.22
CA SER A 313 7.27 -27.27 5.10
C SER A 313 8.78 -27.23 4.92
N THR A 314 9.37 -26.10 5.30
CA THR A 314 10.81 -26.00 5.55
C THR A 314 10.98 -25.38 6.93
N ASP A 315 12.24 -25.17 7.34
CA ASP A 315 12.45 -24.55 8.65
C ASP A 315 11.69 -23.24 8.78
N GLY A 316 11.61 -22.46 7.70
CA GLY A 316 10.97 -21.16 7.77
C GLY A 316 9.63 -21.01 7.06
N PHE A 317 9.11 -22.04 6.40
CA PHE A 317 7.92 -21.89 5.59
C PHE A 317 6.96 -23.04 5.79
N GLY A 318 5.70 -22.78 5.46
CA GLY A 318 4.67 -23.79 5.46
C GLY A 318 3.80 -23.68 4.22
N ALA A 319 3.35 -24.80 3.65
CA ALA A 319 2.49 -24.77 2.49
C ALA A 319 1.44 -25.89 2.55
N TYR A 320 0.35 -25.70 1.81
CA TYR A 320 -0.65 -26.75 1.65
C TYR A 320 -1.36 -26.56 0.32
N ALA A 321 -1.59 -27.65 -0.42
CA ALA A 321 -2.40 -27.60 -1.64
C ALA A 321 -3.44 -28.71 -1.63
N ALA A 322 -4.67 -28.40 -2.07
CA ALA A 322 -5.70 -29.43 -2.16
C ALA A 322 -6.65 -29.08 -3.29
N PHE A 323 -7.15 -30.11 -3.99
CA PHE A 323 -8.06 -29.86 -5.10
C PHE A 323 -8.96 -31.06 -5.33
N VAL A 324 -10.10 -30.79 -5.96
CA VAL A 324 -11.11 -31.82 -6.25
C VAL A 324 -11.44 -31.70 -7.72
N PRO A 325 -10.86 -32.54 -8.57
CA PRO A 325 -11.09 -32.42 -10.01
C PRO A 325 -12.57 -32.46 -10.41
N GLU A 326 -13.34 -33.42 -9.90
CA GLU A 326 -14.73 -33.53 -10.33
C GLU A 326 -15.54 -32.27 -10.03
N ARG A 327 -15.18 -31.53 -8.98
CA ARG A 327 -15.86 -30.30 -8.58
C ARG A 327 -15.20 -29.05 -9.15
N ARG A 328 -14.04 -29.17 -9.79
CA ARG A 328 -13.27 -28.05 -10.32
C ARG A 328 -13.00 -26.97 -9.27
N ILE A 329 -12.63 -27.40 -8.04
CA ILE A 329 -12.27 -26.50 -6.96
C ILE A 329 -10.87 -26.90 -6.45
N GLY A 330 -10.11 -25.90 -6.01
CA GLY A 330 -8.77 -26.10 -5.52
C GLY A 330 -8.31 -24.91 -4.69
N ILE A 331 -7.32 -25.16 -3.84
CA ILE A 331 -6.81 -24.12 -2.96
C ILE A 331 -5.32 -24.35 -2.69
N VAL A 332 -4.56 -23.25 -2.59
CA VAL A 332 -3.17 -23.32 -2.16
C VAL A 332 -2.95 -22.24 -1.12
N LEU A 334 0.41 -20.56 0.98
CA LEU A 334 1.85 -20.44 1.20
C LEU A 334 2.10 -19.43 2.32
N ALA A 335 3.02 -19.75 3.23
CA ALA A 335 3.24 -18.92 4.41
C ALA A 335 4.71 -18.94 4.77
N ASN A 336 5.20 -17.83 5.32
CA ASN A 336 6.62 -17.77 5.69
C ASN A 336 6.81 -18.02 7.18
N LYS A 337 6.04 -18.96 7.71
CA LYS A 337 6.32 -19.62 8.97
C LYS A 337 5.80 -21.05 8.91
N ASN A 338 6.59 -22.00 9.43
CA ASN A 338 6.20 -23.41 9.49
C ASN A 338 5.30 -23.56 10.70
N PHE A 339 3.99 -23.42 10.50
CA PHE A 339 3.05 -23.52 11.61
C PHE A 339 2.21 -24.79 11.44
N PRO A 340 1.52 -25.26 12.48
CA PRO A 340 1.05 -26.65 12.49
C PRO A 340 0.16 -27.00 11.30
N ILE A 341 0.46 -28.15 10.70
CA ILE A 341 -0.30 -28.69 9.58
C ILE A 341 -1.80 -28.77 9.87
N PRO A 342 -2.27 -29.23 11.04
CA PRO A 342 -3.74 -29.29 11.24
C PRO A 342 -4.42 -27.95 11.04
N ALA A 343 -3.76 -26.84 11.40
CA ALA A 343 -4.38 -25.54 11.17
C ALA A 343 -4.47 -25.22 9.68
N ARG A 344 -3.44 -25.59 8.90
CA ARG A 344 -3.50 -25.40 7.45
C ARG A 344 -4.64 -26.19 6.84
N VAL A 345 -4.72 -27.47 7.21
CA VAL A 345 -5.70 -28.35 6.59
C VAL A 345 -7.11 -27.92 6.96
N THR A 346 -7.33 -27.56 8.22
CA THR A 346 -8.64 -27.11 8.67
C THR A 346 -9.09 -25.88 7.90
N ALA A 347 -8.22 -24.89 7.79
CA ALA A 347 -8.58 -23.68 7.06
C ALA A 347 -8.93 -24.00 5.62
N ALA A 348 -8.10 -24.77 4.94
CA ALA A 348 -8.37 -25.09 3.55
C ALA A 348 -9.64 -25.91 3.38
N HIS A 349 -9.85 -26.90 4.26
CA HIS A 349 -11.05 -27.72 4.16
C HIS A 349 -12.31 -26.89 4.37
N THR A 350 -12.26 -25.96 5.34
CA THR A 350 -13.41 -25.10 5.63
C THR A 350 -13.80 -24.29 4.40
N VAL A 351 -12.80 -23.74 3.69
CA VAL A 351 -13.09 -22.96 2.49
C VAL A 351 -13.69 -23.84 1.39
N LEU A 352 -13.06 -24.97 1.10
CA LEU A 352 -13.60 -25.86 0.06
C LEU A 352 -15.01 -26.32 0.40
N ASP A 353 -15.25 -26.70 1.66
CA ASP A 353 -16.59 -27.12 2.07
C ASP A 353 -17.63 -26.01 1.88
N ALA A 354 -17.22 -24.75 2.05
CA ALA A 354 -18.14 -23.62 1.93
C ALA A 354 -18.57 -23.39 0.49
N LEU A 355 -17.81 -23.87 -0.49
CA LEU A 355 -18.22 -23.83 -1.88
C LEU A 355 -19.23 -24.95 -2.15
N ASP A 356 -20.40 -24.60 -2.66
CA ASP A 356 -21.53 -25.55 -2.70
C ASP A 356 -21.80 -26.14 -1.33
N ALA B 3 11.62 2.74 -3.99
CA ALA B 3 11.00 2.26 -5.23
C ALA B 3 9.74 1.43 -4.96
N ASP B 4 9.49 1.08 -3.69
CA ASP B 4 8.30 0.31 -3.33
C ASP B 4 7.25 1.25 -2.77
N PRO B 5 6.11 1.45 -3.43
CA PRO B 5 5.13 2.43 -2.96
C PRO B 5 4.23 1.92 -1.84
N SER B 6 4.44 0.70 -1.33
CA SER B 6 3.41 0.04 -0.52
C SER B 6 3.14 0.80 0.78
N ALA B 7 4.21 1.17 1.50
CA ALA B 7 4.03 1.86 2.77
C ALA B 7 3.31 3.18 2.59
N ALA B 8 3.66 3.94 1.55
CA ALA B 8 3.01 5.24 1.30
C ALA B 8 1.56 5.07 0.88
N VAL B 9 1.27 4.04 0.06
CA VAL B 9 -0.12 3.79 -0.34
C VAL B 9 -0.98 3.49 0.89
N ALA B 10 -0.44 2.69 1.82
CA ALA B 10 -1.20 2.38 3.03
C ALA B 10 -1.46 3.64 3.86
N ARG B 11 -0.47 4.52 4.00
CA ARG B 11 -0.71 5.73 4.79
C ARG B 11 -1.67 6.68 4.07
N ALA B 12 -1.54 6.79 2.75
CA ALA B 12 -2.25 7.82 2.01
C ALA B 12 -3.67 7.40 1.62
N PHE B 13 -3.87 6.14 1.23
CA PHE B 13 -5.15 5.71 0.69
C PHE B 13 -6.01 4.92 1.67
N ALA B 14 -5.41 4.04 2.47
CA ALA B 14 -6.22 3.25 3.41
C ALA B 14 -7.18 4.06 4.28
N PRO B 15 -6.81 5.24 4.82
CA PRO B 15 -7.77 5.96 5.68
C PRO B 15 -8.92 6.57 4.95
N LEU B 16 -8.83 6.68 3.62
CA LEU B 16 -9.87 7.36 2.87
C LEU B 16 -11.21 6.64 2.98
N LEU B 17 -11.19 5.31 3.11
CA LEU B 17 -12.46 4.61 3.10
C LEU B 17 -13.32 5.02 4.29
N ASP B 18 -12.73 5.01 5.50
CA ASP B 18 -13.50 5.43 6.67
C ASP B 18 -13.78 6.93 6.65
N GLN B 19 -12.83 7.74 6.16
CA GLN B 19 -13.02 9.19 6.24
C GLN B 19 -14.17 9.66 5.34
N TYR B 20 -14.32 9.05 4.16
CA TYR B 20 -15.31 9.49 3.18
C TYR B 20 -16.41 8.46 2.96
N ASP B 21 -16.50 7.43 3.80
CA ASP B 21 -17.55 6.43 3.68
C ASP B 21 -17.52 5.79 2.29
N VAL B 22 -16.33 5.42 1.85
CA VAL B 22 -16.14 4.81 0.53
C VAL B 22 -16.19 3.30 0.71
N PRO B 23 -17.14 2.60 0.07
CA PRO B 23 -17.20 1.15 0.28
C PRO B 23 -15.97 0.42 -0.20
N GLY B 24 -15.41 0.81 -1.35
CA GLY B 24 -14.34 0.05 -1.96
C GLY B 24 -13.48 0.93 -2.84
N ALA B 26 -9.66 0.63 -5.42
CA ALA B 26 -8.50 -0.07 -5.97
C ALA B 26 -7.47 0.96 -6.44
N VAL B 27 -6.21 0.69 -6.14
CA VAL B 27 -5.10 1.55 -6.50
C VAL B 27 -4.05 0.71 -7.21
N ALA B 28 -3.43 1.26 -8.26
CA ALA B 28 -2.27 0.60 -8.85
C ALA B 28 -1.21 1.65 -9.10
N VAL B 29 0.05 1.26 -8.87
CA VAL B 29 1.20 2.14 -9.06
C VAL B 29 2.16 1.44 -10.00
N THR B 30 2.73 2.17 -10.96
CA THR B 30 3.79 1.62 -11.77
C THR B 30 5.07 2.39 -11.52
N VAL B 31 6.17 1.66 -11.35
CA VAL B 31 7.49 2.22 -11.06
C VAL B 31 8.48 1.51 -11.97
N ASP B 32 8.98 2.20 -13.00
CA ASP B 32 9.89 1.64 -14.01
C ASP B 32 9.43 0.24 -14.47
N GLY B 33 8.15 0.15 -14.84
CA GLY B 33 7.61 -1.07 -15.40
C GLY B 33 7.13 -2.12 -14.40
N ARG B 34 7.44 -1.96 -13.11
N ARG B 34 7.45 -1.95 -13.12
CA ARG B 34 6.91 -2.87 -12.11
CA ARG B 34 6.92 -2.83 -12.08
C ARG B 34 5.60 -2.33 -11.58
C ARG B 34 5.57 -2.30 -11.62
N GLN B 35 4.56 -3.15 -11.64
CA GLN B 35 3.22 -2.77 -11.23
C GLN B 35 2.94 -3.27 -9.81
N HIS B 36 2.29 -2.42 -9.02
CA HIS B 36 1.93 -2.70 -7.64
C HIS B 36 0.43 -2.46 -7.51
N PHE B 37 -0.28 -3.42 -6.90
CA PHE B 37 -1.72 -3.36 -6.77
C PHE B 37 -2.12 -3.37 -5.32
N TYR B 38 -3.11 -2.54 -4.98
CA TYR B 38 -3.62 -2.47 -3.62
C TYR B 38 -5.13 -2.34 -3.72
N GLU B 39 -5.86 -3.11 -2.92
CA GLU B 39 -7.30 -2.98 -2.93
C GLU B 39 -7.81 -2.88 -1.50
N PHE B 40 -8.92 -2.17 -1.33
CA PHE B 40 -9.52 -1.93 -0.02
C PHE B 40 -11.03 -2.10 -0.13
N GLY B 41 -11.65 -2.73 0.87
CA GLY B 41 -13.10 -2.65 0.89
C GLY B 41 -13.77 -3.55 -0.14
N VAL B 42 -15.00 -3.16 -0.51
CA VAL B 42 -15.91 -4.07 -1.19
C VAL B 42 -16.52 -3.42 -2.42
N VAL B 43 -16.91 -4.28 -3.38
CA VAL B 43 -17.53 -3.81 -4.61
C VAL B 43 -18.99 -3.46 -4.41
N SER B 44 -19.61 -3.99 -3.35
CA SER B 44 -21.03 -3.82 -3.12
C SER B 44 -21.28 -3.96 -1.64
N LYS B 45 -22.06 -3.02 -1.08
CA LYS B 45 -22.42 -3.12 0.32
C LYS B 45 -23.28 -4.34 0.59
N GLN B 46 -24.00 -4.83 -0.43
N GLN B 46 -24.02 -4.81 -0.42
CA GLN B 46 -24.91 -5.95 -0.24
CA GLN B 46 -24.91 -5.95 -0.24
C GLN B 46 -24.17 -7.29 -0.26
C GLN B 46 -24.13 -7.27 -0.24
N THR B 47 -23.31 -7.51 -1.26
CA THR B 47 -22.60 -8.80 -1.32
C THR B 47 -21.36 -8.82 -0.44
N GLN B 48 -20.78 -7.66 -0.18
CA GLN B 48 -19.53 -7.55 0.58
C GLN B 48 -18.37 -8.26 -0.12
N ALA B 49 -18.49 -8.52 -1.43
CA ALA B 49 -17.38 -9.13 -2.16
C ALA B 49 -16.22 -8.14 -2.28
N PRO B 50 -14.98 -8.60 -2.18
CA PRO B 50 -13.86 -7.66 -2.12
C PRO B 50 -13.52 -7.07 -3.47
N VAL B 51 -13.07 -5.82 -3.43
CA VAL B 51 -12.47 -5.18 -4.59
C VAL B 51 -11.23 -5.98 -5.01
N THR B 52 -11.03 -6.13 -6.32
CA THR B 52 -9.80 -6.71 -6.85
C THR B 52 -9.30 -5.79 -7.96
N ARG B 53 -8.09 -6.10 -8.46
CA ARG B 53 -7.53 -5.39 -9.61
C ARG B 53 -8.32 -5.63 -10.89
N ASP B 54 -9.28 -6.56 -10.89
CA ASP B 54 -10.13 -6.83 -12.04
C ASP B 54 -11.57 -6.34 -11.85
N THR B 55 -11.84 -5.64 -10.76
CA THR B 55 -13.14 -5.00 -10.58
C THR B 55 -13.30 -3.82 -11.53
N LEU B 56 -14.41 -3.79 -12.25
CA LEU B 56 -14.75 -2.68 -13.11
C LEU B 56 -15.36 -1.54 -12.30
N PHE B 57 -14.81 -0.35 -12.48
CA PHE B 57 -15.34 0.90 -11.93
C PHE B 57 -15.66 1.86 -13.05
N GLU B 58 -16.59 2.78 -12.81
CA GLU B 58 -16.81 3.89 -13.73
C GLU B 58 -15.70 4.91 -13.56
N ILE B 59 -15.04 5.28 -14.67
CA ILE B 59 -13.96 6.25 -14.56
C ILE B 59 -14.42 7.67 -14.86
N GLY B 60 -15.67 7.89 -15.25
CA GLY B 60 -16.17 9.24 -15.47
C GLY B 60 -15.35 9.99 -16.50
N SER B 61 -15.02 11.25 -16.20
CA SER B 61 -14.31 12.06 -17.20
C SER B 61 -12.87 11.66 -17.44
N VAL B 62 -12.32 10.67 -16.72
CA VAL B 62 -11.07 10.09 -17.22
C VAL B 62 -11.31 9.51 -18.61
N SER B 63 -12.57 9.20 -18.95
CA SER B 63 -12.89 8.76 -20.31
C SER B 63 -12.47 9.77 -21.36
N LYS B 64 -12.39 11.05 -21.00
CA LYS B 64 -11.97 12.04 -21.99
C LYS B 64 -10.54 11.80 -22.49
N THR B 65 -9.68 11.09 -21.71
CA THR B 65 -8.36 10.78 -22.22
C THR B 65 -8.42 9.72 -23.32
N PHE B 66 -9.39 8.80 -23.23
CA PHE B 66 -9.62 7.85 -24.32
C PHE B 66 -10.26 8.53 -25.54
N THR B 67 -11.24 9.40 -25.32
CA THR B 67 -11.78 10.14 -26.45
C THR B 67 -10.71 10.95 -27.16
N ALA B 68 -9.80 11.58 -26.40
CA ALA B 68 -8.68 12.31 -27.02
C ALA B 68 -7.77 11.35 -27.79
N THR B 69 -7.58 10.15 -27.28
CA THR B 69 -6.76 9.17 -28.01
C THR B 69 -7.45 8.79 -29.32
N LEU B 70 -8.77 8.62 -29.30
CA LEU B 70 -9.48 8.31 -30.54
C LEU B 70 -9.39 9.47 -31.53
N ALA B 71 -9.49 10.71 -31.06
CA ALA B 71 -9.33 11.84 -31.95
C ALA B 71 -7.93 11.89 -32.52
N GLY B 72 -6.93 11.59 -31.68
CA GLY B 72 -5.57 11.50 -32.17
C GLY B 72 -5.37 10.34 -33.14
N TYR B 73 -6.04 9.22 -32.89
CA TYR B 73 -6.04 8.12 -33.84
C TYR B 73 -6.60 8.58 -35.19
N ALA B 74 -7.75 9.26 -35.17
CA ALA B 74 -8.35 9.72 -36.41
C ALA B 74 -7.45 10.73 -37.13
N ALA B 75 -6.81 11.62 -36.38
N ALA B 75 -6.75 11.58 -36.37
CA ALA B 75 -5.86 12.54 -37.00
CA ALA B 75 -5.88 12.58 -36.96
C ALA B 75 -4.65 11.80 -37.54
C ALA B 75 -4.67 11.95 -37.65
N THR B 76 -4.33 10.65 -36.95
N THR B 76 -3.89 11.16 -36.90
CA THR B 76 -3.23 9.83 -37.45
CA THR B 76 -2.68 10.55 -37.46
C THR B 76 -3.61 9.14 -38.76
C THR B 76 -2.96 9.84 -38.78
N ARG B 77 -4.81 8.55 -38.80
N ARG B 77 -4.11 9.15 -38.87
CA ARG B 77 -5.29 7.90 -40.02
CA ARG B 77 -4.52 8.52 -40.12
C ARG B 77 -5.65 8.88 -41.12
C ARG B 77 -4.80 9.55 -41.21
N GLY B 78 -5.62 10.19 -40.83
N GLY B 78 -5.14 10.79 -40.85
CA GLY B 78 -5.83 11.21 -41.83
CA GLY B 78 -5.51 11.81 -41.82
C GLY B 78 -7.28 11.51 -42.15
C GLY B 78 -6.98 11.84 -42.16
N VAL B 79 -8.23 10.89 -41.45
N VAL B 79 -7.82 11.15 -41.40
CA VAL B 79 -9.63 11.21 -41.72
CA VAL B 79 -9.26 11.15 -41.66
C VAL B 79 -10.05 12.55 -41.14
C VAL B 79 -9.91 12.45 -41.18
N LEU B 80 -9.22 13.16 -40.28
CA LEU B 80 -9.60 14.47 -39.80
C LEU B 80 -8.33 15.25 -39.51
N ASN B 81 -8.49 16.57 -39.39
CA ASN B 81 -7.42 17.45 -38.95
C ASN B 81 -7.96 18.31 -37.82
N LEU B 82 -7.16 18.48 -36.76
CA LEU B 82 -7.66 19.20 -35.60
C LEU B 82 -7.97 20.66 -35.89
N ASP B 83 -7.46 21.20 -37.00
CA ASP B 83 -7.83 22.56 -37.39
C ASP B 83 -9.18 22.62 -38.11
N ASP B 84 -9.80 21.48 -38.39
CA ASP B 84 -11.04 21.47 -39.15
C ASP B 84 -12.19 21.98 -38.30
N HIS B 85 -13.28 22.33 -38.98
CA HIS B 85 -14.48 22.77 -38.30
C HIS B 85 -15.54 21.67 -38.30
N PRO B 86 -16.45 21.68 -37.33
CA PRO B 86 -17.45 20.59 -37.24
C PRO B 86 -18.29 20.39 -38.49
N GLY B 87 -18.56 21.46 -39.24
CA GLY B 87 -19.46 21.36 -40.38
C GLY B 87 -18.89 20.56 -41.53
N ARG B 88 -17.57 20.36 -41.56
CA ARG B 88 -16.97 19.48 -42.55
C ARG B 88 -17.38 18.02 -42.35
N TYR B 89 -17.71 17.66 -41.12
CA TYR B 89 -18.10 16.29 -40.79
C TYR B 89 -19.58 16.12 -40.53
N LEU B 90 -20.23 17.12 -39.91
CA LEU B 90 -21.66 17.11 -39.64
C LEU B 90 -22.32 18.22 -40.45
N PRO B 91 -22.84 17.93 -41.65
CA PRO B 91 -23.33 19.03 -42.52
C PRO B 91 -24.39 19.90 -41.90
N ALA B 92 -25.16 19.38 -40.94
CA ALA B 92 -26.19 20.19 -40.30
C ALA B 92 -25.61 21.34 -39.48
N LEU B 93 -24.34 21.28 -39.12
CA LEU B 93 -23.72 22.34 -38.33
C LEU B 93 -22.96 23.36 -39.15
N ALA B 94 -22.88 23.18 -40.47
CA ALA B 94 -22.17 24.15 -41.30
C ALA B 94 -22.81 25.54 -41.18
N GLY B 95 -21.98 26.55 -40.98
CA GLY B 95 -22.45 27.93 -40.99
C GLY B 95 -23.14 28.39 -39.73
N THR B 96 -23.21 27.55 -38.70
CA THR B 96 -23.72 27.90 -37.38
C THR B 96 -22.61 28.52 -36.54
N PRO B 97 -22.96 29.26 -35.48
CA PRO B 97 -21.92 29.90 -34.66
C PRO B 97 -20.90 28.93 -34.09
N ILE B 98 -21.32 27.74 -33.62
CA ILE B 98 -20.35 26.80 -33.07
C ILE B 98 -19.37 26.34 -34.15
N ASP B 99 -19.74 26.47 -35.43
CA ASP B 99 -18.85 26.06 -36.50
C ASP B 99 -17.65 26.98 -36.66
N ARG B 100 -17.62 28.11 -35.93
CA ARG B 100 -16.41 28.93 -35.89
C ARG B 100 -15.29 28.25 -35.12
N ALA B 101 -15.64 27.34 -34.22
CA ALA B 101 -14.66 26.61 -33.44
C ALA B 101 -13.99 25.53 -34.29
N GLU B 102 -12.76 25.21 -33.92
CA GLU B 102 -12.03 24.09 -34.51
C GLU B 102 -12.15 22.86 -33.61
N LEU B 103 -11.92 21.68 -34.20
CA LEU B 103 -11.98 20.47 -33.38
C LEU B 103 -11.06 20.58 -32.17
N ARG B 104 -9.89 21.21 -32.35
CA ARG B 104 -8.97 21.42 -31.23
C ARG B 104 -9.62 22.17 -30.10
N ASN B 105 -10.45 23.17 -30.42
CA ASN B 105 -11.13 23.92 -29.38
C ASN B 105 -12.10 23.01 -28.62
N LEU B 106 -12.82 22.14 -29.33
CA LEU B 106 -13.72 21.23 -28.64
C LEU B 106 -12.96 20.36 -27.65
N GLY B 107 -11.75 19.93 -28.02
CA GLY B 107 -10.97 19.02 -27.19
C GLY B 107 -10.31 19.68 -26.00
N THR B 108 -10.20 21.00 -26.00
CA THR B 108 -9.57 21.77 -24.91
C THR B 108 -10.57 22.66 -24.17
N TYR B 109 -11.87 22.49 -24.40
CA TYR B 109 -12.95 23.25 -23.74
C TYR B 109 -12.86 24.75 -24.03
N THR B 110 -12.32 25.10 -25.19
CA THR B 110 -12.19 26.50 -25.60
C THR B 110 -13.05 26.84 -26.83
N ALA B 111 -14.17 26.14 -27.03
CA ALA B 111 -14.93 26.31 -28.27
C ALA B 111 -15.91 27.48 -28.23
N GLY B 112 -16.09 28.12 -27.08
CA GLY B 112 -16.95 29.29 -27.01
C GLY B 112 -17.94 29.27 -25.88
N GLY B 113 -17.63 28.55 -24.80
CA GLY B 113 -18.48 28.56 -23.63
C GLY B 113 -19.57 27.52 -23.64
N LEU B 114 -19.41 26.44 -24.41
CA LEU B 114 -20.26 25.28 -24.21
C LEU B 114 -20.28 24.92 -22.73
N PRO B 115 -21.43 24.57 -22.17
CA PRO B 115 -21.56 24.41 -20.72
C PRO B 115 -21.02 23.07 -20.24
N LEU B 116 -20.99 22.94 -18.91
CA LEU B 116 -20.53 21.68 -18.29
C LEU B 116 -21.36 20.50 -18.78
N GLN B 117 -22.69 20.63 -18.80
CA GLN B 117 -23.61 19.58 -19.20
C GLN B 117 -24.59 20.10 -20.24
N PHE B 118 -25.12 19.19 -21.06
CA PHE B 118 -26.26 19.53 -21.92
C PHE B 118 -27.43 19.99 -21.04
N PRO B 119 -28.28 20.86 -21.55
CA PRO B 119 -29.54 21.14 -20.85
C PRO B 119 -30.36 19.86 -20.75
N GLU B 120 -31.22 19.79 -19.73
CA GLU B 120 -32.05 18.60 -19.54
C GLU B 120 -32.94 18.30 -20.73
N SER B 121 -33.25 19.30 -21.56
CA SER B 121 -34.10 19.08 -22.71
C SER B 121 -33.42 18.28 -23.82
N VAL B 122 -32.11 18.08 -23.77
CA VAL B 122 -31.39 17.37 -24.83
C VAL B 122 -31.26 15.91 -24.41
N THR B 123 -32.03 15.04 -25.07
CA THR B 123 -32.11 13.63 -24.69
C THR B 123 -31.90 12.66 -25.85
N ASP B 124 -31.72 13.13 -27.07
CA ASP B 124 -31.39 12.24 -28.18
C ASP B 124 -30.56 13.01 -29.20
N ASP B 125 -30.18 12.33 -30.28
CA ASP B 125 -29.23 12.89 -31.23
C ASP B 125 -29.85 13.92 -32.16
N GLU B 126 -31.17 13.85 -32.36
CA GLU B 126 -31.87 14.91 -33.08
C GLU B 126 -31.86 16.20 -32.28
N GLN B 127 -32.15 16.10 -30.98
CA GLN B 127 -32.09 17.24 -30.09
C GLN B 127 -30.65 17.74 -29.90
N ILE B 129 -28.20 17.65 -32.22
CA ILE B 129 -27.87 18.45 -33.41
C ILE B 129 -28.53 19.81 -33.33
N ALA B 130 -29.81 19.84 -32.97
CA ALA B 130 -30.53 21.12 -32.89
C ALA B 130 -29.95 22.00 -31.79
N TYR B 131 -29.53 21.40 -30.67
CA TYR B 131 -28.86 22.16 -29.64
C TYR B 131 -27.62 22.86 -30.17
N PHE B 132 -26.75 22.11 -30.87
CA PHE B 132 -25.54 22.73 -31.39
C PHE B 132 -25.84 23.74 -32.48
N GLN B 133 -26.88 23.51 -33.30
CA GLN B 133 -27.26 24.48 -34.32
C GLN B 133 -27.64 25.82 -33.71
N GLN B 134 -28.27 25.80 -32.54
CA GLN B 134 -28.84 26.99 -31.93
C GLN B 134 -27.94 27.61 -30.87
N PHE B 135 -26.82 26.97 -30.55
CA PHE B 135 -25.95 27.44 -29.49
C PHE B 135 -25.30 28.77 -29.88
N GLN B 136 -25.36 29.74 -28.97
CA GLN B 136 -24.75 31.05 -29.19
C GLN B 136 -23.52 31.18 -28.30
N PRO B 137 -22.31 31.16 -28.85
CA PRO B 137 -21.11 31.21 -28.00
C PRO B 137 -21.01 32.54 -27.28
N VAL B 138 -20.58 32.47 -26.02
CA VAL B 138 -20.44 33.66 -25.19
C VAL B 138 -19.07 34.31 -25.33
N THR B 139 -18.13 33.63 -25.98
CA THR B 139 -16.85 34.27 -26.30
C THR B 139 -16.25 33.60 -27.53
N ALA B 140 -15.15 34.20 -28.02
CA ALA B 140 -14.51 33.71 -29.22
C ALA B 140 -13.71 32.44 -28.91
N PRO B 141 -13.57 31.55 -29.88
CA PRO B 141 -12.87 30.29 -29.61
C PRO B 141 -11.42 30.52 -29.24
N GLY B 142 -10.91 29.67 -28.35
CA GLY B 142 -9.53 29.70 -27.92
C GLY B 142 -9.19 30.69 -26.84
N LYS B 143 -10.16 31.45 -26.32
CA LYS B 143 -9.86 32.50 -25.36
C LYS B 143 -10.19 32.12 -23.93
N ILE B 144 -11.23 31.33 -23.69
CA ILE B 144 -11.59 30.95 -22.34
C ILE B 144 -11.82 29.45 -22.31
N ARG B 145 -11.48 28.86 -21.17
CA ARG B 145 -11.66 27.44 -20.95
C ARG B 145 -12.87 27.24 -20.05
N GLN B 146 -13.85 26.48 -20.52
CA GLN B 146 -15.04 26.18 -19.73
C GLN B 146 -15.23 24.69 -19.81
N TYR B 147 -14.94 23.99 -18.70
CA TYR B 147 -14.95 22.54 -18.72
C TYR B 147 -16.35 22.06 -19.12
N SER B 148 -16.40 21.07 -20.02
CA SER B 148 -17.63 20.81 -20.78
C SER B 148 -17.68 19.38 -21.26
N ASN B 149 -18.72 18.64 -20.85
CA ASN B 149 -19.00 17.34 -21.44
C ASN B 149 -19.47 17.43 -22.89
N PRO B 150 -20.44 18.29 -23.27
CA PRO B 150 -20.82 18.39 -24.69
C PRO B 150 -19.66 18.72 -25.61
N SER B 151 -18.68 19.49 -25.13
CA SER B 151 -17.55 19.88 -25.97
C SER B 151 -16.73 18.65 -26.41
N VAL B 152 -16.30 17.82 -25.46
CA VAL B 152 -15.52 16.63 -25.80
C VAL B 152 -16.43 15.56 -26.40
N GLY B 153 -17.69 15.51 -25.94
CA GLY B 153 -18.68 14.68 -26.59
C GLY B 153 -18.71 14.87 -28.10
N LEU B 154 -18.76 16.14 -28.53
CA LEU B 154 -18.85 16.43 -29.95
C LEU B 154 -17.58 16.05 -30.68
N LEU B 155 -16.41 16.31 -30.08
CA LEU B 155 -15.16 15.86 -30.70
C LEU B 155 -15.16 14.35 -30.92
N GLY B 156 -15.62 13.58 -29.93
CA GLY B 156 -15.70 12.14 -30.12
C GLY B 156 -16.67 11.74 -31.22
N HIS B 157 -17.84 12.38 -31.26
CA HIS B 157 -18.84 12.09 -32.29
C HIS B 157 -18.27 12.36 -33.68
N ILE B 158 -17.53 13.48 -33.82
CA ILE B 158 -16.92 13.82 -35.09
C ILE B 158 -15.82 12.84 -35.45
N SER B 159 -15.03 12.41 -34.45
CA SER B 159 -13.98 11.44 -34.73
C SER B 159 -14.58 10.15 -35.27
N ALA B 160 -15.67 9.69 -34.68
CA ALA B 160 -16.34 8.48 -35.15
C ALA B 160 -16.85 8.67 -36.59
N ARG B 161 -17.50 9.80 -36.85
CA ARG B 161 -17.99 10.05 -38.20
C ARG B 161 -16.85 10.09 -39.19
N ALA B 162 -15.76 10.79 -38.83
CA ALA B 162 -14.62 10.85 -39.74
C ALA B 162 -14.06 9.45 -40.03
N LEU B 163 -14.07 8.57 -39.03
CA LEU B 163 -13.56 7.21 -39.23
C LEU B 163 -14.57 6.28 -39.90
N GLY B 164 -15.80 6.75 -40.14
CA GLY B 164 -16.80 5.95 -40.80
C GLY B 164 -17.37 4.82 -39.96
N GLY B 165 -17.41 4.98 -38.63
CA GLY B 165 -18.01 3.98 -37.78
C GLY B 165 -18.74 4.63 -36.62
N GLN B 166 -19.38 3.77 -35.82
CA GLN B 166 -19.99 4.22 -34.58
C GLN B 166 -18.93 4.35 -33.50
N PHE B 167 -19.09 5.36 -32.65
CA PHE B 167 -18.09 5.66 -31.63
C PHE B 167 -17.78 4.45 -30.75
N THR B 168 -18.82 3.74 -30.30
CA THR B 168 -18.56 2.67 -29.34
C THR B 168 -17.77 1.52 -29.97
N ASP B 169 -18.09 1.18 -31.21
CA ASP B 169 -17.36 0.11 -31.87
C ASP B 169 -15.92 0.52 -32.14
N LEU B 170 -15.71 1.76 -32.59
CA LEU B 170 -14.35 2.24 -32.84
C LEU B 170 -13.54 2.31 -31.57
N GLN B 172 -14.01 0.64 -28.78
N GLN B 172 -13.98 0.62 -28.79
CA GLN B 172 -13.77 -0.70 -28.25
CA GLN B 172 -13.70 -0.67 -28.19
C GLN B 172 -12.69 -1.42 -29.05
C GLN B 172 -12.77 -1.53 -29.04
N SER B 173 -12.83 -1.43 -30.37
CA SER B 173 -11.94 -2.25 -31.21
C SER B 173 -10.59 -1.58 -31.44
N GLN B 174 -10.58 -0.33 -31.89
CA GLN B 174 -9.34 0.32 -32.30
C GLN B 174 -8.53 0.83 -31.11
N ILE B 175 -9.19 1.34 -30.08
CA ILE B 175 -8.47 1.94 -28.97
C ILE B 175 -8.31 0.98 -27.78
N LEU B 176 -9.41 0.54 -27.18
CA LEU B 176 -9.28 -0.26 -25.97
C LEU B 176 -8.62 -1.61 -26.28
N THR B 177 -9.22 -2.37 -27.19
CA THR B 177 -8.58 -3.63 -27.61
C THR B 177 -7.21 -3.36 -28.21
N GLY B 178 -7.08 -2.30 -29.03
CA GLY B 178 -5.78 -2.02 -29.63
C GLY B 178 -4.68 -1.79 -28.61
N LEU B 179 -5.03 -1.19 -27.47
CA LEU B 179 -4.07 -0.93 -26.40
C LEU B 179 -3.95 -2.09 -25.42
N GLY B 180 -4.60 -3.23 -25.69
CA GLY B 180 -4.50 -4.36 -24.79
C GLY B 180 -5.37 -4.27 -23.57
N LEU B 181 -6.39 -3.43 -23.59
CA LEU B 181 -7.28 -3.23 -22.45
C LEU B 181 -8.53 -4.06 -22.67
N ARG B 182 -8.44 -5.34 -22.32
CA ARG B 182 -9.49 -6.31 -22.62
C ARG B 182 -10.57 -6.36 -21.57
N ARG B 183 -10.41 -5.68 -20.44
N ARG B 183 -10.42 -5.64 -20.46
CA ARG B 183 -11.45 -5.53 -19.43
CA ARG B 183 -11.45 -5.56 -19.44
C ARG B 183 -11.79 -4.06 -19.24
C ARG B 183 -12.01 -4.15 -19.31
N SER B 184 -11.86 -3.34 -20.35
CA SER B 184 -12.31 -1.96 -20.35
C SER B 184 -13.39 -1.86 -21.42
N PHE B 185 -14.46 -1.13 -21.11
CA PHE B 185 -15.66 -1.15 -21.94
C PHE B 185 -16.35 0.19 -21.94
N VAL B 186 -16.93 0.55 -23.10
CA VAL B 186 -18.01 1.52 -23.11
C VAL B 186 -19.31 0.86 -22.67
N ASP B 187 -19.59 -0.32 -23.23
CA ASP B 187 -20.75 -1.13 -22.86
C ASP B 187 -20.25 -2.43 -22.28
N VAL B 188 -20.49 -2.65 -20.99
CA VAL B 188 -19.91 -3.82 -20.34
C VAL B 188 -20.63 -5.06 -20.86
N THR B 189 -19.86 -6.05 -21.28
CA THR B 189 -20.40 -7.28 -21.84
C THR B 189 -21.13 -8.08 -20.77
N ASP B 190 -21.96 -9.02 -21.22
CA ASP B 190 -22.65 -9.93 -20.30
C ASP B 190 -21.65 -10.65 -19.40
N GLU B 191 -20.52 -11.09 -19.97
CA GLU B 191 -19.55 -11.86 -19.19
C GLU B 191 -18.89 -11.00 -18.12
N ALA B 192 -18.50 -9.78 -18.49
CA ALA B 192 -17.80 -8.89 -17.56
C ALA B 192 -18.73 -8.27 -16.54
N ASP B 194 -20.34 -9.49 -14.16
CA ASP B 194 -20.06 -10.03 -12.83
C ASP B 194 -18.99 -9.24 -12.07
N PHE B 195 -18.11 -8.52 -12.78
CA PHE B 195 -17.01 -7.79 -12.18
C PHE B 195 -17.29 -6.31 -11.99
N TYR B 196 -18.45 -5.83 -12.40
CA TYR B 196 -18.77 -4.40 -12.35
C TYR B 196 -19.21 -4.06 -10.93
N ALA B 197 -18.50 -3.15 -10.27
CA ALA B 197 -18.90 -2.73 -8.93
C ALA B 197 -20.21 -1.94 -8.97
N TRP B 198 -20.80 -1.74 -7.79
CA TRP B 198 -21.87 -0.77 -7.59
C TRP B 198 -21.29 0.52 -7.04
N GLY B 199 -21.79 1.66 -7.54
CA GLY B 199 -21.45 2.94 -6.98
C GLY B 199 -22.42 3.33 -5.91
N TYR B 200 -22.02 4.26 -5.05
CA TYR B 200 -22.84 4.63 -3.90
C TYR B 200 -22.98 6.15 -3.86
N ASP B 201 -24.21 6.63 -3.98
CA ASP B 201 -24.41 8.09 -4.09
C ASP B 201 -24.36 8.72 -2.70
N LYS B 202 -24.66 10.03 -2.62
CA LYS B 202 -24.58 10.76 -1.36
C LYS B 202 -25.50 10.18 -0.31
N LYS B 203 -26.56 9.50 -0.71
CA LYS B 203 -27.47 8.85 0.23
C LYS B 203 -27.09 7.40 0.45
N ASN B 204 -25.94 6.96 -0.08
CA ASN B 204 -25.47 5.58 0.05
C ASN B 204 -26.38 4.59 -0.67
N HIS B 205 -27.07 5.03 -1.68
CA HIS B 205 -27.85 4.13 -2.51
C HIS B 205 -27.00 3.57 -3.65
N PRO B 206 -27.20 2.30 -4.00
CA PRO B 206 -26.43 1.71 -5.10
C PRO B 206 -26.87 2.30 -6.43
N VAL B 207 -25.93 2.84 -7.20
CA VAL B 207 -26.23 3.43 -8.50
C VAL B 207 -25.14 3.06 -9.49
N ARG B 208 -25.49 3.17 -10.77
CA ARG B 208 -24.53 3.17 -11.86
C ARG B 208 -24.90 4.32 -12.79
N VAL B 209 -23.97 4.65 -13.70
CA VAL B 209 -24.11 5.88 -14.46
C VAL B 209 -25.34 5.80 -15.35
N ASN B 210 -26.13 6.85 -15.38
CA ASN B 210 -27.35 6.86 -16.17
C ASN B 210 -27.06 7.16 -17.65
N PRO B 211 -27.93 6.69 -18.56
CA PRO B 211 -27.75 7.06 -19.98
C PRO B 211 -27.87 8.56 -20.18
N GLY B 212 -27.15 9.07 -21.17
CA GLY B 212 -27.34 10.45 -21.57
C GLY B 212 -26.65 10.70 -22.90
N VAL B 213 -26.97 11.85 -23.50
CA VAL B 213 -26.37 12.18 -24.78
C VAL B 213 -24.87 12.30 -24.62
N PHE B 214 -24.12 11.68 -25.54
CA PHE B 214 -22.65 11.69 -25.51
C PHE B 214 -22.08 11.07 -24.23
N ASP B 215 -22.81 10.16 -23.57
CA ASP B 215 -22.27 9.55 -22.35
C ASP B 215 -21.02 8.74 -22.64
N ALA B 216 -21.07 7.88 -23.67
CA ALA B 216 -19.89 7.12 -24.07
C ALA B 216 -18.72 8.04 -24.39
N GLU B 217 -19.00 9.15 -25.09
CA GLU B 217 -17.97 10.03 -25.62
C GLU B 217 -17.29 10.88 -24.54
N ALA B 218 -18.01 11.19 -23.46
CA ALA B 218 -17.51 12.16 -22.48
C ALA B 218 -17.24 11.57 -21.09
N TYR B 219 -17.89 10.48 -20.71
CA TYR B 219 -17.70 10.02 -19.33
C TYR B 219 -18.10 8.56 -19.12
N GLY B 220 -18.14 7.73 -20.15
CA GLY B 220 -18.79 6.45 -20.06
C GLY B 220 -17.93 5.20 -20.04
N VAL B 221 -16.63 5.33 -19.89
CA VAL B 221 -15.78 4.13 -19.89
C VAL B 221 -15.81 3.50 -18.51
N LYS B 222 -15.85 2.16 -18.46
CA LYS B 222 -15.67 1.40 -17.24
C LYS B 222 -14.37 0.62 -17.38
N SER B 223 -13.54 0.62 -16.36
CA SER B 223 -12.24 -0.02 -16.49
C SER B 223 -11.80 -0.55 -15.13
N THR B 224 -10.62 -1.21 -15.12
CA THR B 224 -10.07 -1.85 -13.93
C THR B 224 -8.69 -1.26 -13.66
N THR B 225 -8.19 -1.44 -12.43
CA THR B 225 -6.82 -0.95 -12.22
C THR B 225 -5.80 -1.74 -13.06
N ALA B 226 -6.02 -3.05 -13.29
CA ALA B 226 -5.10 -3.79 -14.14
C ALA B 226 -5.06 -3.19 -15.54
N ASP B 227 -6.21 -2.80 -16.11
CA ASP B 227 -6.21 -2.18 -17.43
C ASP B 227 -5.72 -0.74 -17.36
N ILE B 229 -3.64 0.70 -15.37
CA ILE B 229 -2.19 0.87 -15.21
C ILE B 229 -1.48 0.53 -16.51
N ARG B 230 -2.03 -0.40 -17.31
N ARG B 230 -2.04 -0.38 -17.31
CA ARG B 230 -1.49 -0.63 -18.65
CA ARG B 230 -1.51 -0.65 -18.65
C ARG B 230 -1.62 0.61 -19.53
C ARG B 230 -1.64 0.57 -19.55
N PHE B 231 -2.79 1.25 -19.50
CA PHE B 231 -2.98 2.47 -20.29
C PHE B 231 -2.00 3.56 -19.85
N ILE B 232 -1.79 3.70 -18.55
CA ILE B 232 -0.81 4.65 -18.05
C ILE B 232 0.61 4.27 -18.47
N GLU B 233 0.93 2.97 -18.48
CA GLU B 233 2.27 2.59 -18.93
C GLU B 233 2.45 2.88 -20.42
N HIS B 234 1.40 2.69 -21.23
CA HIS B 234 1.46 3.13 -22.64
C HIS B 234 1.71 4.62 -22.73
N ASN B 235 1.07 5.41 -21.86
CA ASN B 235 1.27 6.86 -21.89
C ASN B 235 2.67 7.24 -21.42
N ILE B 236 3.21 6.52 -20.42
CA ILE B 236 4.58 6.76 -19.98
C ILE B 236 5.58 6.55 -21.10
N ASP B 237 5.44 5.44 -21.84
CA ASP B 237 6.36 5.12 -22.92
C ASP B 237 5.59 4.44 -24.04
N PRO B 238 5.12 5.21 -25.01
CA PRO B 238 4.31 4.63 -26.10
C PRO B 238 5.16 3.89 -27.12
N GLY B 239 6.47 3.77 -26.84
CA GLY B 239 7.42 3.38 -27.87
C GLY B 239 7.21 1.98 -28.39
N ALA B 240 6.65 1.08 -27.58
CA ALA B 240 6.45 -0.28 -28.05
C ALA B 240 5.15 -0.44 -28.82
N LEU B 241 4.33 0.61 -28.90
CA LEU B 241 3.08 0.53 -29.64
C LEU B 241 3.32 0.63 -31.13
N GLU B 242 2.43 -0.03 -31.88
N GLU B 242 2.44 -0.01 -31.90
CA GLU B 242 2.31 0.16 -33.32
CA GLU B 242 2.49 0.16 -33.33
C GLU B 242 2.22 1.66 -33.63
C GLU B 242 2.20 1.62 -33.68
N PRO B 243 2.80 2.13 -34.75
CA PRO B 243 2.86 3.59 -34.98
C PRO B 243 1.54 4.36 -34.95
N THR B 244 0.43 3.81 -35.44
CA THR B 244 -0.82 4.58 -35.42
C THR B 244 -1.23 4.87 -33.99
N LEU B 245 -1.31 3.81 -33.17
CA LEU B 245 -1.66 3.97 -31.77
C LEU B 245 -0.59 4.76 -31.01
N ARG B 246 0.69 4.56 -31.35
CA ARG B 246 1.73 5.34 -30.68
C ARG B 246 1.51 6.83 -30.82
N GLU B 247 1.26 7.30 -32.05
CA GLU B 247 1.00 8.72 -32.24
C GLU B 247 -0.33 9.14 -31.63
N ALA B 248 -1.31 8.25 -31.65
CA ALA B 248 -2.57 8.61 -31.00
C ALA B 248 -2.34 8.92 -29.53
N VAL B 249 -1.53 8.10 -28.84
CA VAL B 249 -1.25 8.35 -27.43
C VAL B 249 -0.40 9.60 -27.25
N LYS B 250 0.63 9.77 -28.10
CA LYS B 250 1.47 10.94 -27.97
C LYS B 250 0.67 12.22 -28.20
N SER B 251 -0.35 12.15 -29.06
CA SER B 251 -1.14 13.35 -29.38
C SER B 251 -1.85 13.91 -28.17
N THR B 252 -2.06 13.10 -27.12
CA THR B 252 -2.76 13.55 -25.91
C THR B 252 -1.83 14.26 -24.93
N GLN B 253 -0.53 14.27 -25.20
CA GLN B 253 0.47 14.84 -24.30
C GLN B 253 1.00 16.17 -24.81
N VAL B 254 0.36 16.75 -25.82
CA VAL B 254 0.76 18.03 -26.38
C VAL B 254 -0.03 19.13 -25.67
N GLY B 255 0.68 20.03 -25.00
CA GLY B 255 0.02 21.19 -24.39
C GLY B 255 -0.35 22.25 -25.43
N TYR B 256 -1.57 22.78 -25.28
CA TYR B 256 -2.09 23.79 -26.21
C TYR B 256 -2.44 25.12 -25.56
N TYR B 257 -2.77 25.12 -24.27
CA TYR B 257 -3.16 26.33 -23.54
C TYR B 257 -2.59 26.30 -22.14
N LYS B 258 -2.11 27.45 -21.69
CA LYS B 258 -1.85 27.68 -20.27
C LYS B 258 -3.11 28.28 -19.65
N VAL B 259 -3.55 27.69 -18.54
CA VAL B 259 -4.72 28.14 -17.81
C VAL B 259 -4.29 28.21 -16.35
N GLY B 260 -3.77 29.38 -15.94
CA GLY B 260 -3.20 29.52 -14.61
C GLY B 260 -2.14 28.47 -14.31
N PRO B 261 -2.35 27.71 -13.24
CA PRO B 261 -1.35 26.72 -12.81
C PRO B 261 -1.32 25.46 -13.67
N VAL B 263 -1.81 23.33 -17.63
CA VAL B 263 -1.68 23.35 -19.09
C VAL B 263 -2.66 22.31 -19.65
N GLN B 264 -3.50 22.73 -20.59
CA GLN B 264 -4.56 21.89 -21.14
C GLN B 264 -4.07 21.18 -22.39
N ASP B 265 -4.08 19.83 -22.36
CA ASP B 265 -3.89 19.02 -23.56
C ASP B 265 -5.27 18.65 -24.14
N LEU B 266 -5.25 17.77 -25.15
CA LEU B 266 -6.41 16.96 -25.46
C LEU B 266 -6.46 15.83 -24.43
N GLY B 267 -7.52 15.81 -23.62
CA GLY B 267 -7.66 14.82 -22.56
C GLY B 267 -6.91 15.15 -21.29
N TRP B 268 -5.59 14.93 -21.30
CA TRP B 268 -4.80 15.18 -20.10
C TRP B 268 -4.66 16.67 -19.81
N GLU B 269 -4.36 16.95 -18.54
CA GLU B 269 -3.95 18.25 -18.06
C GLU B 269 -2.57 18.08 -17.43
N GLN B 270 -1.65 19.03 -17.68
CA GLN B 270 -0.26 18.77 -17.35
C GLN B 270 0.33 19.90 -16.52
N TYR B 271 1.41 19.54 -15.82
CA TYR B 271 2.10 20.31 -14.80
C TYR B 271 3.59 20.05 -14.93
N PRO B 272 4.43 20.92 -14.38
CA PRO B 272 5.84 20.57 -14.21
C PRO B 272 5.96 19.41 -13.23
N TYR B 273 7.11 18.74 -13.28
CA TYR B 273 7.40 17.76 -12.25
C TYR B 273 8.88 17.85 -11.89
N PRO B 274 9.21 17.83 -10.60
CA PRO B 274 8.27 17.79 -9.45
C PRO B 274 7.36 19.01 -9.36
N VAL B 275 6.30 18.86 -8.56
CA VAL B 275 5.24 19.86 -8.45
C VAL B 275 4.83 19.93 -6.99
N ALA B 276 4.55 21.14 -6.51
CA ALA B 276 4.00 21.28 -5.18
C ALA B 276 2.56 20.77 -5.20
N LEU B 277 2.17 20.03 -4.17
CA LEU B 277 0.77 19.61 -4.10
C LEU B 277 -0.18 20.82 -4.23
N ASP B 278 0.20 21.97 -3.69
CA ASP B 278 -0.67 23.13 -3.79
C ASP B 278 -0.95 23.52 -5.25
N GLN B 279 0.05 23.40 -6.13
CA GLN B 279 -0.20 23.72 -7.54
C GLN B 279 -1.13 22.69 -8.18
N LEU B 280 -0.93 21.40 -7.89
N LEU B 280 -0.96 21.41 -7.83
CA LEU B 280 -1.86 20.37 -8.35
CA LEU B 280 -1.84 20.36 -8.36
C LEU B 280 -3.26 20.65 -7.84
C LEU B 280 -3.25 20.46 -7.79
N LEU B 281 -3.39 20.97 -6.56
CA LEU B 281 -4.72 21.22 -6.02
C LEU B 281 -5.37 22.44 -6.68
N ALA B 282 -4.58 23.49 -6.92
CA ALA B 282 -5.14 24.66 -7.58
C ALA B 282 -5.60 24.32 -8.99
N GLY B 283 -4.83 23.50 -9.71
CA GLY B 283 -5.20 23.15 -11.07
C GLY B 283 -6.39 22.21 -11.14
N ASN B 284 -6.66 21.47 -10.08
CA ASN B 284 -7.78 20.55 -10.00
C ASN B 284 -8.92 21.09 -9.15
N SER B 285 -8.97 22.41 -8.94
CA SER B 285 -9.94 23.01 -8.04
C SER B 285 -11.35 22.96 -8.62
N GLY B 286 -12.33 23.12 -7.73
CA GLY B 286 -13.70 23.19 -8.18
C GLY B 286 -13.95 24.37 -9.08
N GLU B 287 -13.30 25.51 -8.80
CA GLU B 287 -13.50 26.67 -9.65
C GLU B 287 -12.89 26.45 -11.03
N ALA B 289 -13.04 23.76 -12.61
CA ALA B 289 -14.00 22.89 -13.30
C ALA B 289 -15.38 23.50 -13.50
N SER B 291 -16.13 27.23 -13.54
CA SER B 291 -16.18 28.60 -13.99
C SER B 291 -15.30 28.82 -15.22
N PRO B 292 -15.57 29.85 -16.02
CA PRO B 292 -14.69 30.13 -17.15
C PRO B 292 -13.36 30.67 -16.67
N GLN B 293 -12.30 30.20 -17.29
CA GLN B 293 -10.94 30.60 -16.94
C GLN B 293 -10.23 31.07 -18.20
N ALA B 294 -9.49 32.15 -18.09
CA ALA B 294 -8.82 32.68 -19.27
C ALA B 294 -7.76 31.69 -19.74
N ALA B 295 -7.70 31.50 -21.06
CA ALA B 295 -6.79 30.53 -21.66
C ALA B 295 -5.86 31.25 -22.62
N THR B 296 -4.60 30.83 -22.62
CA THR B 296 -3.56 31.45 -23.43
C THR B 296 -2.90 30.37 -24.29
N ALA B 297 -3.08 30.46 -25.60
CA ALA B 297 -2.44 29.52 -26.51
C ALA B 297 -0.93 29.60 -26.33
N ILE B 298 -0.29 28.44 -26.19
CA ILE B 298 1.15 28.36 -26.01
C ILE B 298 1.73 27.36 -27.00
N ALA B 299 3.04 27.44 -27.19
N ALA B 299 3.06 27.38 -27.11
CA ALA B 299 3.74 26.39 -27.92
CA ALA B 299 3.81 26.29 -27.72
C ALA B 299 3.74 25.12 -27.07
C ALA B 299 3.96 25.15 -26.72
N PRO B 300 3.73 23.95 -27.70
N PRO B 300 3.92 23.91 -27.18
CA PRO B 300 3.72 22.71 -26.92
CA PRO B 300 3.89 22.78 -26.26
C PRO B 300 4.93 22.64 -26.03
C PRO B 300 5.23 22.60 -25.57
N PRO B 301 4.74 22.69 -24.70
N PRO B 301 5.24 22.42 -24.25
CA PRO B 301 5.89 22.63 -23.79
CA PRO B 301 6.45 21.94 -23.58
C PRO B 301 6.62 21.29 -23.86
C PRO B 301 6.79 20.52 -24.02
N SER B 302 7.81 21.29 -24.43
N SER B 302 8.05 20.14 -23.80
CA SER B 302 8.69 20.12 -24.34
CA SER B 302 8.54 18.89 -24.39
C SER B 302 9.37 20.01 -22.99
C SER B 302 9.89 18.43 -23.86
N VAL B 303 8.63 20.27 -21.90
N VAL B 303 10.53 19.22 -23.01
CA VAL B 303 9.26 20.32 -20.59
CA VAL B 303 11.84 18.86 -22.47
C VAL B 303 9.77 18.93 -20.24
C VAL B 303 11.71 18.67 -20.96
N GLY B 304 11.04 18.87 -19.80
N GLY B 304 12.61 17.87 -20.40
CA GLY B 304 11.71 17.59 -19.65
CA GLY B 304 12.60 17.67 -18.96
C GLY B 304 10.96 16.64 -18.73
C GLY B 304 11.46 16.76 -18.53
N SER B 305 10.59 17.12 -17.55
N SER B 305 10.84 17.09 -17.39
CA SER B 305 9.85 16.32 -16.58
CA SER B 305 9.85 16.23 -16.76
C SER B 305 8.49 16.96 -16.40
C SER B 305 8.53 16.97 -16.56
N ALA B 306 7.43 16.28 -16.87
CA ALA B 306 6.08 16.78 -16.76
C ALA B 306 5.20 15.73 -16.08
N LEU B 307 4.20 16.20 -15.36
CA LEU B 307 3.17 15.34 -14.81
C LEU B 307 1.89 15.56 -15.58
N PHE B 308 1.22 14.45 -15.93
CA PHE B 308 -0.07 14.48 -16.60
C PHE B 308 -1.11 13.87 -15.68
N ASN B 309 -2.32 14.43 -15.66
CA ASN B 309 -3.35 13.82 -14.81
C ASN B 309 -4.75 14.07 -15.38
N LYS B 310 -5.72 13.34 -14.83
CA LYS B 310 -7.13 13.60 -15.11
C LYS B 310 -7.94 13.03 -13.96
N THR B 311 -8.83 13.84 -13.41
CA THR B 311 -9.86 13.39 -12.48
C THR B 311 -11.09 12.92 -13.25
N GLY B 312 -11.92 12.13 -12.59
CA GLY B 312 -13.21 11.78 -13.18
C GLY B 312 -14.15 11.24 -12.13
N SER B 313 -15.44 11.54 -12.31
CA SER B 313 -16.43 11.08 -11.34
C SER B 313 -17.74 10.79 -12.06
N THR B 314 -18.55 9.95 -11.44
CA THR B 314 -19.97 9.83 -11.76
C THR B 314 -20.74 9.99 -10.46
N ASP B 315 -22.07 9.83 -10.51
CA ASP B 315 -22.86 10.00 -9.29
C ASP B 315 -22.41 9.02 -8.21
N GLY B 316 -21.97 7.83 -8.60
CA GLY B 316 -21.55 6.85 -7.62
C GLY B 316 -20.07 6.51 -7.58
N PHE B 317 -19.23 7.13 -8.42
CA PHE B 317 -17.84 6.70 -8.51
C PHE B 317 -16.90 7.90 -8.55
N GLY B 318 -15.64 7.63 -8.19
CA GLY B 318 -14.58 8.64 -8.29
C GLY B 318 -13.29 7.99 -8.77
N ALA B 319 -12.52 8.72 -9.59
CA ALA B 319 -11.31 8.19 -10.19
C ALA B 319 -10.27 9.29 -10.30
N TYR B 320 -9.00 8.89 -10.33
CA TYR B 320 -7.90 9.81 -10.58
C TYR B 320 -6.74 9.05 -11.22
N ALA B 321 -6.11 9.65 -12.25
CA ALA B 321 -4.96 9.03 -12.90
C ALA B 321 -3.87 10.09 -13.07
N ALA B 322 -2.63 9.74 -12.75
CA ALA B 322 -1.53 10.71 -12.89
C ALA B 322 -0.25 9.95 -13.20
N PHE B 323 0.60 10.52 -14.07
CA PHE B 323 1.84 9.83 -14.42
C PHE B 323 2.88 10.85 -14.86
N VAL B 324 4.14 10.44 -14.72
CA VAL B 324 5.30 11.25 -15.09
C VAL B 324 6.17 10.46 -16.06
N PRO B 325 6.06 10.69 -17.37
CA PRO B 325 6.84 9.90 -18.33
C PRO B 325 8.34 9.87 -18.03
N GLU B 326 8.96 11.02 -17.79
CA GLU B 326 10.42 11.07 -17.64
C GLU B 326 10.90 10.24 -16.46
N ARG B 327 10.07 10.09 -15.42
CA ARG B 327 10.39 9.30 -14.24
C ARG B 327 9.85 7.87 -14.30
N ARG B 328 9.05 7.54 -15.32
CA ARG B 328 8.46 6.21 -15.45
C ARG B 328 7.68 5.80 -14.20
N ILE B 329 6.93 6.75 -13.62
CA ILE B 329 6.05 6.46 -12.49
C ILE B 329 4.64 6.92 -12.83
N GLY B 330 3.65 6.22 -12.25
CA GLY B 330 2.27 6.50 -12.55
C GLY B 330 1.38 5.85 -11.50
N ILE B 331 0.17 6.39 -11.36
CA ILE B 331 -0.77 5.91 -10.35
C ILE B 331 -2.20 6.07 -10.86
N VAL B 332 -3.06 5.11 -10.50
CA VAL B 332 -4.50 5.21 -10.76
C VAL B 332 -5.25 4.82 -9.50
N LEU B 334 -9.34 4.03 -8.38
CA LEU B 334 -10.75 3.87 -8.71
C LEU B 334 -11.53 3.58 -7.43
N ALA B 335 -12.66 4.27 -7.23
CA ALA B 335 -13.45 4.08 -6.02
C ALA B 335 -14.93 4.13 -6.36
N ASN B 336 -15.74 3.40 -5.57
CA ASN B 336 -17.17 3.37 -5.82
C ASN B 336 -17.91 4.32 -4.87
N LYS B 337 -17.31 5.48 -4.64
CA LYS B 337 -18.00 6.65 -4.11
C LYS B 337 -17.33 7.88 -4.71
N ASN B 338 -18.13 8.89 -5.07
CA ASN B 338 -17.63 10.15 -5.60
C ASN B 338 -17.25 11.00 -4.40
N PHE B 339 -16.00 10.92 -3.95
CA PHE B 339 -15.59 11.70 -2.79
C PHE B 339 -14.62 12.80 -3.22
N PRO B 340 -14.36 13.81 -2.38
CA PRO B 340 -13.75 15.06 -2.89
C PRO B 340 -12.43 14.86 -3.64
N ILE B 341 -12.34 15.53 -4.78
CA ILE B 341 -11.15 15.48 -5.63
C ILE B 341 -9.88 15.85 -4.86
N PRO B 342 -9.86 16.91 -4.01
CA PRO B 342 -8.59 17.21 -3.31
C PRO B 342 -8.03 16.02 -2.56
N ALA B 343 -8.90 15.18 -1.98
CA ALA B 343 -8.41 14.02 -1.26
C ALA B 343 -7.78 13.00 -2.19
N ARG B 344 -8.38 12.78 -3.38
CA ARG B 344 -7.77 11.88 -4.36
C ARG B 344 -6.41 12.39 -4.81
N VAL B 345 -6.34 13.68 -5.13
CA VAL B 345 -5.10 14.24 -5.65
C VAL B 345 -4.01 14.21 -4.58
N THR B 346 -4.37 14.55 -3.33
CA THR B 346 -3.40 14.56 -2.25
C THR B 346 -2.81 13.16 -2.03
N ALA B 347 -3.67 12.14 -2.00
CA ALA B 347 -3.17 10.80 -1.76
C ALA B 347 -2.22 10.37 -2.87
N ALA B 348 -2.63 10.57 -4.12
CA ALA B 348 -1.82 10.18 -5.26
C ALA B 348 -0.50 10.93 -5.29
N HIS B 349 -0.55 12.24 -5.06
CA HIS B 349 0.68 13.03 -5.11
C HIS B 349 1.64 12.61 -4.01
N THR B 350 1.11 12.32 -2.81
CA THR B 350 1.96 11.87 -1.71
C THR B 350 2.72 10.60 -2.07
N VAL B 351 2.05 9.67 -2.77
CA VAL B 351 2.69 8.41 -3.13
C VAL B 351 3.77 8.64 -4.17
N LEU B 352 3.47 9.41 -5.22
CA LEU B 352 4.48 9.68 -6.24
C LEU B 352 5.67 10.41 -5.66
N ASP B 353 5.43 11.41 -4.79
CA ASP B 353 6.53 12.14 -4.15
C ASP B 353 7.41 11.21 -3.33
N ALA B 354 6.82 10.20 -2.69
CA ALA B 354 7.57 9.26 -1.85
C ALA B 354 8.52 8.40 -2.68
N LEU B 355 8.23 8.19 -3.95
CA LEU B 355 9.14 7.45 -4.84
C LEU B 355 10.31 8.36 -5.21
N ASP B 356 11.53 7.90 -4.94
CA ASP B 356 12.71 8.78 -4.99
C ASP B 356 12.49 10.00 -4.09
N ALA C 3 6.23 33.59 -1.86
CA ALA C 3 6.47 33.90 -0.46
C ALA C 3 5.18 34.20 0.31
N ASP C 4 4.05 34.36 -0.38
CA ASP C 4 2.77 34.60 0.29
C ASP C 4 2.04 33.27 0.48
N PRO C 5 1.82 32.81 1.72
CA PRO C 5 1.18 31.50 1.93
C PRO C 5 -0.35 31.52 1.86
N SER C 6 -0.98 32.65 1.56
CA SER C 6 -2.42 32.79 1.76
C SER C 6 -3.23 31.80 0.94
N ALA C 7 -2.93 31.71 -0.37
CA ALA C 7 -3.70 30.83 -1.23
C ALA C 7 -3.56 29.37 -0.82
N ALA C 8 -2.35 28.94 -0.44
CA ALA C 8 -2.14 27.56 -0.03
C ALA C 8 -2.86 27.27 1.28
N VAL C 9 -2.84 28.23 2.21
CA VAL C 9 -3.55 28.04 3.49
C VAL C 9 -5.03 27.86 3.24
N ALA C 10 -5.61 28.67 2.34
CA ALA C 10 -7.03 28.53 2.02
C ALA C 10 -7.34 27.14 1.47
N ARG C 11 -6.53 26.63 0.54
CA ARG C 11 -6.79 25.30 -0.01
C ARG C 11 -6.58 24.20 1.02
N ALA C 12 -5.56 24.34 1.88
CA ALA C 12 -5.18 23.24 2.76
C ALA C 12 -5.94 23.21 4.08
N PHE C 13 -6.19 24.37 4.70
CA PHE C 13 -6.78 24.42 6.03
C PHE C 13 -8.28 24.70 6.05
N ALA C 14 -8.78 25.61 5.21
CA ALA C 14 -10.21 25.93 5.24
C ALA C 14 -11.14 24.72 5.14
N PRO C 15 -10.89 23.71 4.30
CA PRO C 15 -11.84 22.57 4.24
C PRO C 15 -11.83 21.68 5.47
N LEU C 16 -10.81 21.78 6.32
CA LEU C 16 -10.72 20.92 7.50
C LEU C 16 -11.92 21.12 8.42
N LEU C 17 -12.48 22.33 8.48
CA LEU C 17 -13.51 22.57 9.50
C LEU C 17 -14.76 21.75 9.20
N ASP C 18 -15.24 21.79 7.95
CA ASP C 18 -16.40 20.96 7.64
C ASP C 18 -16.04 19.48 7.62
N GLN C 19 -14.83 19.15 7.19
CA GLN C 19 -14.48 17.73 7.04
C GLN C 19 -14.41 17.04 8.40
N TYR C 20 -13.83 17.69 9.41
CA TYR C 20 -13.65 17.09 10.72
C TYR C 20 -14.56 17.70 11.78
N ASP C 21 -15.54 18.50 11.38
CA ASP C 21 -16.49 19.10 12.32
C ASP C 21 -15.76 19.92 13.39
N VAL C 22 -14.81 20.74 12.96
CA VAL C 22 -13.99 21.54 13.86
C VAL C 22 -14.67 22.91 14.02
N PRO C 23 -15.04 23.32 15.23
CA PRO C 23 -15.72 24.62 15.35
C PRO C 23 -14.85 25.79 14.93
N GLY C 24 -13.56 25.78 15.32
CA GLY C 24 -12.68 26.91 15.07
C GLY C 24 -11.22 26.53 14.98
N ALA C 26 -7.12 28.44 14.18
CA ALA C 26 -6.23 29.53 13.89
C ALA C 26 -4.91 29.00 13.35
N VAL C 27 -4.40 29.69 12.32
CA VAL C 27 -3.17 29.30 11.65
C VAL C 27 -2.30 30.55 11.55
N ALA C 28 -1.00 30.40 11.77
CA ALA C 28 -0.07 31.49 11.52
C ALA C 28 1.12 30.92 10.77
N VAL C 29 1.62 31.70 9.81
CA VAL C 29 2.76 31.29 9.01
C VAL C 29 3.80 32.40 9.10
N THR C 30 5.08 32.02 9.22
CA THR C 30 6.13 33.02 9.16
C THR C 30 7.08 32.68 8.01
N VAL C 31 7.44 33.71 7.26
CA VAL C 31 8.26 33.58 6.05
C VAL C 31 9.23 34.75 6.09
N ASP C 32 10.50 34.46 6.38
N ASP C 32 10.50 34.45 6.35
CA ASP C 32 11.55 35.49 6.42
CA ASP C 32 11.55 35.45 6.48
C ASP C 32 11.18 36.64 7.36
C ASP C 32 11.11 36.64 7.33
N GLY C 33 10.57 36.31 8.49
CA GLY C 33 10.20 37.32 9.46
C GLY C 33 8.85 37.98 9.25
N ARG C 34 8.16 37.70 8.15
N ARG C 34 8.19 37.73 8.12
CA ARG C 34 6.85 38.27 7.89
CA ARG C 34 6.85 38.26 7.91
C ARG C 34 5.79 37.28 8.34
C ARG C 34 5.85 37.24 8.45
N GLN C 35 4.89 37.73 9.23
CA GLN C 35 3.90 36.87 9.84
C GLN C 35 2.56 37.01 9.12
N HIS C 36 1.93 35.88 8.83
CA HIS C 36 0.65 35.82 8.16
C HIS C 36 -0.32 35.07 9.07
N PHE C 37 -1.50 35.63 9.27
CA PHE C 37 -2.49 35.07 10.18
C PHE C 37 -3.77 34.73 9.44
N TYR C 38 -4.35 33.58 9.79
CA TYR C 38 -5.59 33.12 9.17
C TYR C 38 -6.47 32.51 10.26
N GLU C 39 -7.72 32.90 10.32
CA GLU C 39 -8.60 32.31 11.32
C GLU C 39 -9.85 31.79 10.65
N PHE C 40 -10.42 30.72 11.23
CA PHE C 40 -11.62 30.11 10.67
C PHE C 40 -12.58 29.77 11.81
N GLY C 41 -13.87 30.01 11.60
CA GLY C 41 -14.82 29.49 12.58
C GLY C 41 -14.81 30.21 13.92
N VAL C 42 -15.22 29.48 14.97
CA VAL C 42 -15.65 30.10 16.22
C VAL C 42 -14.97 29.48 17.43
N VAL C 43 -14.83 30.30 18.49
CA VAL C 43 -14.23 29.85 19.73
C VAL C 43 -15.17 28.96 20.54
N SER C 44 -16.48 29.06 20.29
CA SER C 44 -17.48 28.38 21.09
C SER C 44 -18.73 28.19 20.24
N LYS C 45 -19.32 26.99 20.29
CA LYS C 45 -20.55 26.76 19.54
C LYS C 45 -21.69 27.58 20.12
N GLN C 46 -21.65 27.85 21.42
CA GLN C 46 -22.71 28.61 22.06
C GLN C 46 -22.62 30.10 21.69
N THR C 47 -21.45 30.72 21.86
CA THR C 47 -21.39 32.16 21.61
C THR C 47 -21.21 32.50 20.14
N GLN C 48 -20.67 31.57 19.34
CA GLN C 48 -20.35 31.83 17.93
C GLN C 48 -19.36 32.97 17.75
N ALA C 49 -18.61 33.32 18.79
CA ALA C 49 -17.63 34.39 18.63
C ALA C 49 -16.45 33.91 17.79
N PRO C 50 -15.90 34.78 16.94
CA PRO C 50 -14.89 34.33 15.97
C PRO C 50 -13.55 34.05 16.63
N VAL C 51 -12.86 33.05 16.07
CA VAL C 51 -11.46 32.80 16.39
C VAL C 51 -10.65 33.99 15.92
N THR C 52 -9.68 34.40 16.75
CA THR C 52 -8.71 35.43 16.38
C THR C 52 -7.30 34.94 16.68
N ARG C 53 -6.30 35.71 16.23
CA ARG C 53 -4.91 35.40 16.56
C ARG C 53 -4.63 35.54 18.05
N ASP C 54 -5.57 36.05 18.84
CA ASP C 54 -5.38 36.20 20.28
C ASP C 54 -6.27 35.23 21.08
N THR C 55 -6.92 34.31 20.41
CA THR C 55 -7.69 33.26 21.07
C THR C 55 -6.76 32.24 21.69
N LEU C 56 -7.00 31.91 22.96
CA LEU C 56 -6.21 30.89 23.63
C LEU C 56 -6.76 29.51 23.34
N PHE C 57 -5.88 28.59 22.94
CA PHE C 57 -6.19 27.19 22.69
C PHE C 57 -5.27 26.33 23.56
N GLU C 58 -5.70 25.12 23.87
CA GLU C 58 -4.80 24.16 24.52
C GLU C 58 -3.88 23.56 23.47
N ILE C 59 -2.56 23.65 23.72
CA ILE C 59 -1.62 23.09 22.76
C ILE C 59 -1.23 21.65 23.10
N GLY C 60 -1.71 21.10 24.21
CA GLY C 60 -1.42 19.71 24.52
C GLY C 60 0.07 19.42 24.57
N SER C 61 0.51 18.34 23.93
CA SER C 61 1.92 17.94 24.01
C SER C 61 2.89 18.86 23.28
N VAL C 62 2.42 19.86 22.53
CA VAL C 62 3.37 20.87 22.10
C VAL C 62 3.99 21.55 23.32
N SER C 63 3.31 21.46 24.48
CA SER C 63 3.88 21.92 25.74
C SER C 63 5.24 21.29 26.02
N LYS C 64 5.47 20.08 25.53
CA LYS C 64 6.76 19.43 25.83
C LYS C 64 7.92 20.20 25.23
N THR C 65 7.69 21.00 24.17
CA THR C 65 8.77 21.85 23.67
C THR C 65 9.08 22.97 24.64
N PHE C 66 8.07 23.49 25.35
CA PHE C 66 8.34 24.46 26.41
C PHE C 66 9.04 23.81 27.60
N THR C 67 8.59 22.61 28.01
CA THR C 67 9.28 21.94 29.10
C THR C 67 10.73 21.64 28.75
N ALA C 68 10.98 21.23 27.49
CA ALA C 68 12.35 21.05 27.03
C ALA C 68 13.16 22.34 27.11
N THR C 69 12.53 23.47 26.75
CA THR C 69 13.21 24.76 26.86
C THR C 69 13.57 25.05 28.31
N LEU C 70 12.66 24.73 29.24
CA LEU C 70 12.98 24.95 30.66
C LEU C 70 14.15 24.07 31.11
N ALA C 71 14.20 22.83 30.64
CA ALA C 71 15.31 21.96 30.97
C ALA C 71 16.61 22.51 30.40
N GLY C 72 16.56 23.04 29.17
CA GLY C 72 17.73 23.64 28.60
C GLY C 72 18.16 24.90 29.35
N TYR C 73 17.19 25.68 29.81
CA TYR C 73 17.49 26.84 30.64
C TYR C 73 18.20 26.41 31.92
N ALA C 74 17.70 25.37 32.58
CA ALA C 74 18.33 24.87 33.79
C ALA C 74 19.74 24.34 33.49
N ALA C 75 19.90 23.63 32.37
CA ALA C 75 21.21 23.11 32.01
C ALA C 75 22.20 24.23 31.69
N THR C 76 21.77 25.27 30.97
CA THR C 76 22.70 26.34 30.63
C THR C 76 23.16 27.09 31.87
N ARG C 77 22.27 27.29 32.84
N ARG C 77 22.26 27.28 32.84
CA ARG C 77 22.66 27.90 34.10
CA ARG C 77 22.62 27.89 34.11
C ARG C 77 23.69 27.03 34.82
C ARG C 77 23.64 27.03 34.85
N GLY C 78 23.41 25.72 34.88
CA GLY C 78 24.26 24.80 35.62
C GLY C 78 23.63 24.29 36.90
N VAL C 79 22.34 24.50 37.10
CA VAL C 79 21.66 23.86 38.23
C VAL C 79 21.42 22.38 37.96
N LEU C 80 21.55 21.95 36.72
CA LEU C 80 21.44 20.53 36.41
C LEU C 80 22.27 20.22 35.18
N ASN C 81 22.55 18.92 35.02
CA ASN C 81 23.20 18.38 33.83
C ASN C 81 22.35 17.22 33.32
N LEU C 82 22.22 17.11 32.00
CA LEU C 82 21.32 16.09 31.44
C LEU C 82 21.83 14.67 31.69
N ASP C 83 23.11 14.50 32.02
CA ASP C 83 23.61 13.19 32.40
C ASP C 83 23.25 12.80 33.84
N ASP C 84 22.67 13.72 34.61
CA ASP C 84 22.36 13.44 36.00
C ASP C 84 21.23 12.43 36.10
N HIS C 85 21.11 11.82 37.27
CA HIS C 85 20.04 10.90 37.52
C HIS C 85 19.00 11.54 38.44
N PRO C 86 17.74 11.10 38.37
CA PRO C 86 16.68 11.76 39.17
C PRO C 86 16.99 11.88 40.65
N GLY C 87 17.66 10.89 41.23
CA GLY C 87 17.89 10.86 42.68
C GLY C 87 18.78 11.97 43.19
N ARG C 88 19.54 12.62 42.30
CA ARG C 88 20.32 13.80 42.70
C ARG C 88 19.42 14.99 43.05
N TYR C 89 18.21 15.05 42.47
CA TYR C 89 17.27 16.12 42.74
C TYR C 89 16.10 15.71 43.61
N LEU C 90 15.64 14.47 43.51
CA LEU C 90 14.54 13.94 44.31
C LEU C 90 15.08 12.81 45.18
N PRO C 91 15.48 13.09 46.41
CA PRO C 91 16.13 12.06 47.25
C PRO C 91 15.31 10.78 47.41
N ALA C 92 13.98 10.86 47.34
CA ALA C 92 13.16 9.67 47.50
C ALA C 92 13.28 8.69 46.33
N LEU C 93 13.85 9.12 45.20
CA LEU C 93 14.04 8.22 44.07
C LEU C 93 15.45 7.64 43.99
N ALA C 94 16.36 8.03 44.89
CA ALA C 94 17.70 7.47 44.87
C ALA C 94 17.65 5.97 45.12
N GLY C 95 18.35 5.22 44.27
CA GLY C 95 18.45 3.78 44.46
C GLY C 95 17.25 3.00 43.99
N THR C 96 16.44 3.56 43.12
CA THR C 96 15.31 2.90 42.52
C THR C 96 15.62 2.56 41.07
N PRO C 97 14.92 1.59 40.48
CA PRO C 97 15.24 1.22 39.09
C PRO C 97 15.14 2.38 38.11
N ILE C 98 14.21 3.31 38.30
CA ILE C 98 14.14 4.43 37.36
C ILE C 98 15.34 5.35 37.53
N ASP C 99 16.04 5.28 38.66
CA ASP C 99 17.22 6.12 38.88
C ASP C 99 18.38 5.72 37.97
N ARG C 100 18.30 4.59 37.27
CA ARG C 100 19.33 4.24 36.31
C ARG C 100 19.27 5.12 35.06
N ALA C 101 18.12 5.73 34.80
CA ALA C 101 17.97 6.62 33.65
C ALA C 101 18.56 7.99 33.94
N GLU C 102 19.00 8.66 32.89
CA GLU C 102 19.49 10.03 32.98
C GLU C 102 18.36 11.00 32.62
N LEU C 103 18.54 12.27 32.99
CA LEU C 103 17.52 13.24 32.64
C LEU C 103 17.29 13.28 31.13
N ARG C 104 18.34 13.07 30.34
CA ARG C 104 18.21 13.07 28.88
C ARG C 104 17.29 11.96 28.41
N ASN C 105 17.36 10.79 29.06
CA ASN C 105 16.45 9.71 28.74
C ASN C 105 15.01 10.12 29.01
N LEU C 106 14.76 10.83 30.12
CA LEU C 106 13.40 11.30 30.41
C LEU C 106 12.88 12.20 29.30
N GLY C 107 13.74 13.09 28.80
CA GLY C 107 13.32 14.04 27.79
C GLY C 107 13.14 13.44 26.41
N THR C 108 13.70 12.27 26.16
CA THR C 108 13.60 11.61 24.86
C THR C 108 12.72 10.36 24.88
N TYR C 109 12.00 10.11 25.97
CA TYR C 109 11.12 8.95 26.14
C TYR C 109 11.87 7.63 26.07
N THR C 110 13.17 7.65 26.43
CA THR C 110 14.01 6.45 26.42
C THR C 110 14.42 6.01 27.83
N ALA C 111 13.62 6.35 28.85
CA ALA C 111 14.03 6.09 30.23
C ALA C 111 13.74 4.67 30.72
N GLY C 112 13.17 3.81 29.89
CA GLY C 112 12.98 2.42 30.29
C GLY C 112 11.56 1.93 30.18
N GLY C 113 10.76 2.60 29.35
CA GLY C 113 9.40 2.17 29.12
C GLY C 113 8.36 2.79 30.03
N LEU C 114 8.63 3.97 30.56
CA LEU C 114 7.56 4.72 31.19
C LEU C 114 6.37 4.81 30.22
N PRO C 115 5.15 4.61 30.68
CA PRO C 115 4.02 4.47 29.77
C PRO C 115 3.49 5.81 29.31
N LEU C 116 2.55 5.74 28.36
CA LEU C 116 1.96 6.95 27.78
C LEU C 116 1.39 7.87 28.86
N GLN C 117 0.59 7.32 29.77
CA GLN C 117 -0.05 8.08 30.83
C GLN C 117 0.23 7.43 32.17
N PHE C 118 0.15 8.23 33.23
CA PHE C 118 0.12 7.66 34.58
C PHE C 118 -1.08 6.71 34.70
N PRO C 119 -0.97 5.66 35.52
CA PRO C 119 -2.15 4.87 35.85
C PRO C 119 -3.16 5.76 36.56
N GLU C 120 -4.43 5.32 36.53
CA GLU C 120 -5.51 6.12 37.09
C GLU C 120 -5.37 6.31 38.60
N SER C 121 -4.66 5.41 39.27
CA SER C 121 -4.47 5.49 40.72
C SER C 121 -3.56 6.64 41.15
N VAL C 122 -2.83 7.25 40.22
CA VAL C 122 -1.87 8.29 40.55
C VAL C 122 -2.56 9.64 40.41
N THR C 123 -2.88 10.28 41.54
CA THR C 123 -3.64 11.52 41.51
C THR C 123 -3.03 12.68 42.30
N ASP C 124 -1.88 12.50 42.93
CA ASP C 124 -1.25 13.59 43.67
C ASP C 124 0.26 13.35 43.70
N ASP C 125 0.99 14.27 44.34
CA ASP C 125 2.45 14.22 44.29
C ASP C 125 3.00 13.03 45.09
N GLU C 126 2.34 12.69 46.20
N GLU C 126 2.35 12.69 46.21
CA GLU C 126 2.74 11.55 47.02
CA GLU C 126 2.80 11.54 46.99
C GLU C 126 2.61 10.25 46.24
C GLU C 126 2.63 10.24 46.23
N GLN C 127 1.50 10.09 45.53
CA GLN C 127 1.31 8.91 44.70
C GLN C 127 2.25 8.93 43.50
N ILE C 129 5.44 10.16 43.53
CA ILE C 129 6.73 9.69 44.03
C ILE C 129 6.68 8.18 44.23
N ALA C 130 5.63 7.69 44.89
CA ALA C 130 5.50 6.25 45.11
C ALA C 130 5.43 5.50 43.78
N TYR C 131 4.74 6.07 42.78
CA TYR C 131 4.69 5.42 41.48
C TYR C 131 6.09 5.27 40.88
N PHE C 132 6.88 6.35 40.89
CA PHE C 132 8.21 6.25 40.32
C PHE C 132 9.12 5.35 41.16
N GLN C 133 8.93 5.32 42.49
CA GLN C 133 9.75 4.44 43.33
C GLN C 133 9.56 2.97 42.96
N GLN C 134 8.36 2.60 42.54
CA GLN C 134 8.00 1.21 42.34
C GLN C 134 8.04 0.80 40.88
N PHE C 135 8.33 1.72 39.96
CA PHE C 135 8.31 1.42 38.55
C PHE C 135 9.44 0.45 38.18
N GLN C 136 9.09 -0.60 37.45
CA GLN C 136 10.07 -1.59 37.01
C GLN C 136 10.31 -1.40 35.53
N PRO C 137 11.48 -0.92 35.11
CA PRO C 137 11.70 -0.67 33.68
C PRO C 137 11.61 -1.96 32.88
N VAL C 138 10.99 -1.85 31.71
CA VAL C 138 10.88 -3.01 30.83
C VAL C 138 12.08 -3.11 29.90
N THR C 139 12.80 -2.01 29.68
CA THR C 139 14.01 -2.04 28.87
C THR C 139 15.08 -1.18 29.55
N ALA C 140 16.32 -1.34 29.11
CA ALA C 140 17.41 -0.52 29.61
C ALA C 140 17.29 0.89 29.03
N PRO C 141 17.84 1.89 29.72
CA PRO C 141 17.70 3.27 29.22
C PRO C 141 18.43 3.44 27.89
N GLY C 142 17.88 4.30 27.04
CA GLY C 142 18.51 4.66 25.78
C GLY C 142 18.20 3.75 24.61
N LYS C 143 17.49 2.65 24.81
CA LYS C 143 17.35 1.64 23.76
C LYS C 143 16.02 1.67 23.04
N ILE C 144 14.91 2.00 23.72
CA ILE C 144 13.61 2.03 23.08
C ILE C 144 12.94 3.35 23.45
N ARG C 145 12.26 3.94 22.47
CA ARG C 145 11.47 5.14 22.67
C ARG C 145 10.02 4.75 22.89
N GLN C 146 9.46 5.18 24.01
CA GLN C 146 8.06 4.93 24.32
C GLN C 146 7.46 6.28 24.71
N TYR C 147 6.66 6.85 23.81
CA TYR C 147 6.18 8.21 24.02
C TYR C 147 5.39 8.28 25.33
N SER C 148 5.66 9.31 26.15
CA SER C 148 5.31 9.22 27.57
C SER C 148 5.14 10.59 28.18
N ASN C 149 3.93 10.87 28.70
CA ASN C 149 3.74 12.07 29.51
C ASN C 149 4.49 12.01 30.83
N PRO C 150 4.39 10.93 31.65
CA PRO C 150 5.18 10.89 32.89
C PRO C 150 6.67 11.14 32.69
N SER C 151 7.23 10.66 31.57
CA SER C 151 8.66 10.82 31.32
C SER C 151 9.07 12.29 31.24
N VAL C 152 8.42 13.06 30.35
CA VAL C 152 8.73 14.48 30.25
C VAL C 152 8.23 15.22 31.47
N GLY C 153 7.09 14.79 32.02
CA GLY C 153 6.59 15.40 33.26
C GLY C 153 7.64 15.40 34.35
N LEU C 154 8.30 14.26 34.57
CA LEU C 154 9.34 14.17 35.58
C LEU C 154 10.51 15.08 35.27
N LEU C 155 10.92 15.16 34.00
CA LEU C 155 12.01 16.05 33.63
C LEU C 155 11.68 17.51 33.97
N GLY C 156 10.43 17.92 33.76
CA GLY C 156 10.03 19.26 34.15
C GLY C 156 10.02 19.45 35.65
N HIS C 157 9.50 18.47 36.40
CA HIS C 157 9.48 18.56 37.85
C HIS C 157 10.89 18.69 38.41
N ILE C 158 11.83 17.93 37.84
CA ILE C 158 13.22 17.99 38.29
C ILE C 158 13.86 19.30 37.90
N SER C 159 13.53 19.83 36.71
CA SER C 159 14.04 21.14 36.33
C SER C 159 13.59 22.21 37.31
N ALA C 160 12.31 22.17 37.71
CA ALA C 160 11.82 23.12 38.70
C ALA C 160 12.57 22.99 40.02
N ARG C 161 12.73 21.76 40.52
CA ARG C 161 13.43 21.55 41.78
C ARG C 161 14.87 22.05 41.70
N ALA C 162 15.58 21.70 40.62
CA ALA C 162 16.93 22.19 40.43
C ALA C 162 17.01 23.71 40.47
N LEU C 163 16.02 24.38 39.87
CA LEU C 163 16.01 25.85 39.80
C LEU C 163 15.49 26.51 41.07
N GLY C 164 14.92 25.74 41.99
CA GLY C 164 14.56 26.28 43.29
C GLY C 164 13.20 26.94 43.35
N GLY C 165 12.30 26.64 42.41
CA GLY C 165 10.97 27.22 42.47
C GLY C 165 9.91 26.24 42.02
N GLN C 166 8.68 26.71 41.92
CA GLN C 166 7.58 25.91 41.39
C GLN C 166 7.64 25.93 39.87
N PHE C 167 7.29 24.78 39.27
CA PHE C 167 7.34 24.68 37.81
C PHE C 167 6.52 25.77 37.15
N THR C 168 5.30 26.01 37.65
CA THR C 168 4.42 26.97 37.01
C THR C 168 5.01 28.37 37.03
N ASP C 169 5.56 28.78 38.17
CA ASP C 169 6.12 30.13 38.28
C ASP C 169 7.34 30.29 37.40
N LEU C 170 8.23 29.29 37.37
CA LEU C 170 9.42 29.37 36.53
C LEU C 170 9.07 29.38 35.06
N GLN C 172 6.26 30.29 33.66
N GLN C 172 6.29 30.33 33.67
CA GLN C 172 5.58 31.54 33.31
CA GLN C 172 5.56 31.53 33.28
C GLN C 172 6.56 32.69 33.25
C GLN C 172 6.42 32.78 33.35
N SER C 173 7.40 32.83 34.27
CA SER C 173 8.26 34.02 34.37
C SER C 173 9.52 33.89 33.53
N GLN C 174 10.25 32.79 33.65
CA GLN C 174 11.56 32.70 33.00
C GLN C 174 11.46 32.35 31.52
N ILE C 175 10.48 31.52 31.15
CA ILE C 175 10.37 31.02 29.78
C ILE C 175 9.32 31.81 28.99
N LEU C 176 8.05 31.71 29.38
CA LEU C 176 7.01 32.35 28.57
C LEU C 176 7.18 33.87 28.54
N THR C 177 7.20 34.51 29.72
CA THR C 177 7.46 35.95 29.74
C THR C 177 8.83 36.27 29.15
N GLY C 178 9.85 35.46 29.48
CA GLY C 178 11.18 35.73 28.96
C GLY C 178 11.25 35.71 27.44
N LEU C 179 10.47 34.83 26.80
CA LEU C 179 10.39 34.78 25.34
C LEU C 179 9.38 35.77 24.74
N GLY C 180 8.81 36.68 25.53
CA GLY C 180 7.86 37.63 24.99
C GLY C 180 6.50 37.06 24.71
N LEU C 181 6.15 35.94 25.32
CA LEU C 181 4.87 35.25 25.13
C LEU C 181 3.98 35.63 26.31
N ARG C 182 3.39 36.83 26.22
CA ARG C 182 2.61 37.39 27.30
C ARG C 182 1.16 36.97 27.27
N ARG C 183 0.75 36.18 26.27
CA ARG C 183 -0.59 35.60 26.18
C ARG C 183 -0.55 34.08 26.23
N SER C 184 0.50 33.52 26.80
CA SER C 184 0.63 32.08 26.95
C SER C 184 0.73 31.78 28.43
N PHE C 185 0.09 30.68 28.86
CA PHE C 185 -0.08 30.43 30.29
C PHE C 185 -0.08 28.94 30.55
N VAL C 186 0.40 28.54 31.73
CA VAL C 186 -0.01 27.23 32.24
C VAL C 186 -1.29 27.34 33.04
N ASP C 187 -1.48 28.44 33.79
CA ASP C 187 -2.74 28.76 34.46
C ASP C 187 -3.27 30.07 33.90
N VAL C 188 -4.37 30.00 33.14
CA VAL C 188 -4.88 31.20 32.47
C VAL C 188 -5.37 32.18 33.52
N THR C 189 -4.94 33.43 33.40
CA THR C 189 -5.30 34.44 34.37
C THR C 189 -6.78 34.82 34.22
N ASP C 190 -7.30 35.43 35.29
CA ASP C 190 -8.67 35.94 35.25
C ASP C 190 -8.88 36.85 34.05
N GLU C 191 -7.89 37.68 33.71
N GLU C 191 -7.90 37.70 33.74
CA GLU C 191 -8.08 38.65 32.63
CA GLU C 191 -8.02 38.65 32.64
C GLU C 191 -8.05 37.99 31.26
C GLU C 191 -8.10 37.93 31.30
N ALA C 192 -7.19 36.98 31.06
CA ALA C 192 -7.12 36.30 29.78
C ALA C 192 -8.22 35.25 29.62
N ASP C 194 -11.32 35.50 29.22
CA ASP C 194 -12.26 35.90 28.18
C ASP C 194 -11.84 35.40 26.79
N PHE C 195 -10.55 35.13 26.57
CA PHE C 195 -10.01 34.75 25.28
C PHE C 195 -9.83 33.24 25.13
N TYR C 196 -10.11 32.46 26.18
CA TYR C 196 -9.86 31.01 26.15
C TYR C 196 -11.02 30.35 25.40
N ALA C 197 -10.70 29.66 24.30
CA ALA C 197 -11.75 28.96 23.57
C ALA C 197 -12.28 27.78 24.38
N TRP C 198 -13.39 27.22 23.91
CA TRP C 198 -13.87 25.94 24.40
C TRP C 198 -13.44 24.85 23.43
N GLY C 199 -13.12 23.68 23.97
CA GLY C 199 -12.79 22.54 23.16
C GLY C 199 -14.02 21.67 23.00
N TYR C 200 -14.03 20.83 21.97
CA TYR C 200 -15.21 20.03 21.67
C TYR C 200 -14.80 18.58 21.50
N ASP C 201 -15.36 17.71 22.34
CA ASP C 201 -14.91 16.32 22.39
C ASP C 201 -15.62 15.54 21.29
N LYS C 202 -15.47 14.21 21.30
CA LYS C 202 -16.01 13.39 20.21
C LYS C 202 -17.52 13.45 20.17
N LYS C 203 -18.18 13.73 21.29
CA LYS C 203 -19.62 13.92 21.29
C LYS C 203 -20.01 15.38 21.10
N ASN C 204 -19.05 16.25 20.75
CA ASN C 204 -19.28 17.67 20.57
C ASN C 204 -19.70 18.36 21.86
N HIS C 205 -19.28 17.84 22.96
CA HIS C 205 -19.53 18.53 24.23
C HIS C 205 -18.38 19.49 24.51
N PRO C 206 -18.69 20.68 25.04
CA PRO C 206 -17.63 21.67 25.34
C PRO C 206 -16.84 21.22 26.56
N VAL C 207 -15.51 21.20 26.41
CA VAL C 207 -14.62 20.69 27.45
C VAL C 207 -13.34 21.53 27.45
N ARG C 208 -12.64 21.47 28.58
CA ARG C 208 -11.27 21.96 28.68
C ARG C 208 -10.46 20.92 29.44
N VAL C 209 -9.14 21.04 29.38
CA VAL C 209 -8.27 19.96 29.87
C VAL C 209 -8.49 19.77 31.36
N ASN C 210 -8.69 18.53 31.77
CA ASN C 210 -8.89 18.22 33.18
C ASN C 210 -7.55 18.22 33.92
N PRO C 211 -7.56 18.49 35.22
CA PRO C 211 -6.31 18.48 35.97
C PRO C 211 -5.78 17.05 36.10
N GLY C 212 -4.46 16.93 36.12
CA GLY C 212 -3.82 15.66 36.37
C GLY C 212 -2.40 15.88 36.83
N VAL C 213 -1.79 14.81 37.35
CA VAL C 213 -0.40 14.90 37.78
C VAL C 213 0.48 15.24 36.60
N PHE C 214 1.39 16.19 36.81
CA PHE C 214 2.30 16.67 35.76
C PHE C 214 1.57 17.26 34.55
N ASP C 215 0.34 17.76 34.73
CA ASP C 215 -0.38 18.32 33.58
C ASP C 215 0.35 19.53 33.02
N ALA C 216 0.70 20.49 33.89
CA ALA C 216 1.48 21.65 33.47
C ALA C 216 2.76 21.23 32.77
N GLU C 217 3.42 20.19 33.31
CA GLU C 217 4.75 19.81 32.85
C GLU C 217 4.70 19.09 31.51
N ALA C 218 3.61 18.38 31.21
CA ALA C 218 3.56 17.51 30.04
C ALA C 218 2.62 17.99 28.93
N TYR C 219 1.58 18.73 29.28
CA TYR C 219 0.61 19.05 28.24
C TYR C 219 -0.27 20.24 28.57
N GLY C 220 0.10 21.11 29.50
CA GLY C 220 -0.84 22.07 30.04
C GLY C 220 -0.75 23.50 29.56
N VAL C 221 0.09 23.80 28.57
CA VAL C 221 0.21 25.20 28.14
C VAL C 221 -0.98 25.58 27.28
N LYS C 222 -1.50 26.79 27.48
CA LYS C 222 -2.47 27.41 26.60
C LYS C 222 -1.80 28.58 25.89
N SER C 223 -2.02 28.71 24.58
CA SER C 223 -1.32 29.76 23.85
C SER C 223 -2.19 30.22 22.68
N THR C 224 -1.67 31.19 21.92
CA THR C 224 -2.38 31.83 20.81
C THR C 224 -1.50 31.73 19.58
N THR C 225 -2.07 31.94 18.39
CA THR C 225 -1.17 31.90 17.23
C THR C 225 -0.20 33.09 17.23
N ALA C 226 -0.62 34.25 17.77
CA ALA C 226 0.31 35.36 17.85
C ALA C 226 1.52 35.00 18.72
N ASP C 227 1.29 34.36 19.86
CA ASP C 227 2.44 33.96 20.69
C ASP C 227 3.19 32.79 20.07
N ILE C 229 3.60 31.85 17.01
CA ILE C 229 4.46 32.16 15.86
C ILE C 229 5.70 32.92 16.33
N ARG C 230 5.59 33.68 17.43
N ARG C 230 5.60 33.68 17.43
CA ARG C 230 6.76 34.31 18.02
CA ARG C 230 6.79 34.30 18.00
C ARG C 230 7.72 33.27 18.58
C ARG C 230 7.73 33.25 18.58
N PHE C 231 7.18 32.23 19.26
CA PHE C 231 8.02 31.13 19.76
C PHE C 231 8.72 30.42 18.62
N ILE C 232 7.99 30.17 17.53
CA ILE C 232 8.57 29.55 16.35
C ILE C 232 9.65 30.45 15.74
N GLU C 233 9.43 31.77 15.73
CA GLU C 233 10.47 32.64 15.20
C GLU C 233 11.70 32.64 16.10
N HIS C 234 11.53 32.50 17.42
CA HIS C 234 12.72 32.36 18.27
C HIS C 234 13.44 31.06 17.95
N ASN C 235 12.69 29.99 17.66
CA ASN C 235 13.32 28.72 17.33
C ASN C 235 14.01 28.78 15.97
N ILE C 236 13.42 29.52 15.02
CA ILE C 236 14.04 29.69 13.71
C ILE C 236 15.39 30.41 13.83
N ASP C 237 15.44 31.51 14.58
CA ASP C 237 16.66 32.27 14.74
C ASP C 237 16.71 32.82 16.16
N PRO C 238 17.32 32.09 17.09
CA PRO C 238 17.37 32.54 18.48
C PRO C 238 18.42 33.59 18.75
N GLY C 239 19.08 34.10 17.70
CA GLY C 239 20.24 34.98 17.84
C GLY C 239 19.93 36.30 18.48
N ALA C 240 18.67 36.73 18.46
CA ALA C 240 18.30 37.97 19.12
C ALA C 240 17.99 37.79 20.61
N LEU C 241 17.91 36.55 21.08
CA LEU C 241 17.65 36.30 22.49
C LEU C 241 18.89 36.55 23.34
N GLU C 242 18.65 37.00 24.58
CA GLU C 242 19.63 36.99 25.64
C GLU C 242 20.27 35.60 25.71
N PRO C 243 21.57 35.48 26.03
CA PRO C 243 22.27 34.19 25.88
C PRO C 243 21.68 33.03 26.67
N THR C 244 21.18 33.25 27.89
CA THR C 244 20.60 32.11 28.62
C THR C 244 19.42 31.51 27.85
N LEU C 245 18.45 32.35 27.50
CA LEU C 245 17.32 31.84 26.71
C LEU C 245 17.75 31.37 25.33
N ARG C 246 18.76 31.99 24.72
CA ARG C 246 19.20 31.55 23.41
C ARG C 246 19.70 30.11 23.45
N GLU C 247 20.54 29.79 24.42
CA GLU C 247 21.02 28.41 24.56
C GLU C 247 19.89 27.46 24.93
N ALA C 248 18.96 27.94 25.75
CA ALA C 248 17.83 27.11 26.14
C ALA C 248 17.01 26.71 24.93
N VAL C 249 16.77 27.65 24.02
CA VAL C 249 16.06 27.33 22.78
C VAL C 249 16.91 26.42 21.90
N LYS C 250 18.19 26.79 21.72
CA LYS C 250 19.04 25.95 20.89
C LYS C 250 19.10 24.52 21.40
N SER C 251 19.01 24.34 22.73
CA SER C 251 19.17 23.01 23.30
C SER C 251 18.07 22.05 22.86
N THR C 252 16.91 22.59 22.43
CA THR C 252 15.80 21.74 21.96
C THR C 252 15.96 21.28 20.51
N GLN C 253 16.99 21.74 19.81
CA GLN C 253 17.19 21.41 18.40
C GLN C 253 18.35 20.45 18.21
N VAL C 254 18.83 19.83 19.28
CA VAL C 254 19.91 18.86 19.21
C VAL C 254 19.27 17.48 19.11
N GLY C 255 19.54 16.78 18.02
CA GLY C 255 19.03 15.42 17.86
C GLY C 255 19.86 14.42 18.67
N TYR C 256 19.17 13.53 19.37
CA TYR C 256 19.85 12.53 20.19
C TYR C 256 19.66 11.10 19.73
N TYR C 257 18.51 10.76 19.14
CA TYR C 257 18.23 9.39 18.73
C TYR C 257 17.64 9.37 17.33
N LYS C 258 18.02 8.37 16.54
CA LYS C 258 17.28 8.05 15.34
C LYS C 258 16.25 7.00 15.68
N VAL C 259 15.00 7.28 15.28
CA VAL C 259 13.86 6.40 15.54
C VAL C 259 13.16 6.23 14.19
N GLY C 260 13.63 5.29 13.37
CA GLY C 260 13.11 5.14 12.03
C GLY C 260 13.22 6.44 11.25
N PRO C 261 12.10 6.93 10.74
CA PRO C 261 12.11 8.12 9.89
C PRO C 261 12.28 9.44 10.64
N VAL C 263 14.02 11.84 14.07
CA VAL C 263 15.11 12.02 15.03
C VAL C 263 14.55 12.74 16.25
N GLN C 264 14.83 12.19 17.43
CA GLN C 264 14.25 12.69 18.67
C GLN C 264 15.19 13.70 19.31
N ASP C 265 14.70 14.93 19.49
CA ASP C 265 15.34 15.93 20.33
C ASP C 265 14.71 15.91 21.72
N LEU C 266 15.14 16.85 22.57
CA LEU C 266 14.32 17.23 23.73
C LEU C 266 13.19 18.11 23.19
N GLY C 267 11.95 17.66 23.34
CA GLY C 267 10.85 18.45 22.81
C GLY C 267 10.56 18.23 21.33
N TRP C 268 11.34 18.86 20.45
CA TRP C 268 11.07 18.73 19.03
C TRP C 268 11.44 17.33 18.50
N GLU C 269 10.83 16.98 17.38
CA GLU C 269 11.22 15.85 16.55
C GLU C 269 11.63 16.41 15.20
N GLN C 270 12.69 15.89 14.60
N GLN C 270 12.69 15.85 14.63
CA GLN C 270 13.26 16.55 13.45
CA GLN C 270 13.44 16.38 13.50
C GLN C 270 13.44 15.60 12.28
C GLN C 270 13.24 15.56 12.23
N TYR C 271 13.50 16.22 11.10
CA TYR C 271 13.48 15.58 9.79
C TYR C 271 14.41 16.37 8.89
N PRO C 272 14.91 15.76 7.81
CA PRO C 272 15.55 16.54 6.76
C PRO C 272 14.55 17.50 6.15
N TYR C 273 15.07 18.52 5.47
CA TYR C 273 14.21 19.39 4.68
C TYR C 273 14.95 19.71 3.39
N PRO C 274 14.27 19.62 2.23
CA PRO C 274 12.86 19.23 2.07
C PRO C 274 12.62 17.79 2.49
N VAL C 275 11.36 17.48 2.74
CA VAL C 275 10.94 16.18 3.25
C VAL C 275 9.72 15.76 2.46
N ALA C 276 9.64 14.48 2.12
CA ALA C 276 8.40 13.94 1.55
C ALA C 276 7.34 13.89 2.62
N LEU C 277 6.11 14.28 2.27
CA LEU C 277 5.03 14.19 3.23
C LEU C 277 4.92 12.78 3.82
N ASP C 278 5.17 11.75 3.00
CA ASP C 278 5.06 10.39 3.53
C ASP C 278 6.01 10.16 4.71
N GLN C 279 7.23 10.71 4.65
CA GLN C 279 8.17 10.54 5.76
C GLN C 279 7.66 11.26 7.00
N LEU C 280 7.16 12.50 6.85
CA LEU C 280 6.54 13.23 7.95
C LEU C 280 5.36 12.48 8.53
N LEU C 281 4.53 11.85 7.68
CA LEU C 281 3.42 11.08 8.20
C LEU C 281 3.89 9.83 8.94
N ALA C 282 4.91 9.15 8.40
CA ALA C 282 5.46 7.98 9.08
C ALA C 282 5.99 8.34 10.46
N GLY C 283 6.70 9.47 10.57
CA GLY C 283 7.27 9.83 11.86
C GLY C 283 6.23 10.29 12.86
N ASN C 284 5.09 10.79 12.38
CA ASN C 284 4.00 11.26 13.22
C ASN C 284 2.86 10.24 13.35
N SER C 285 3.14 8.97 13.05
CA SER C 285 2.08 7.97 12.99
C SER C 285 1.56 7.63 14.38
N GLY C 286 0.38 7.02 14.42
CA GLY C 286 -0.14 6.55 15.69
C GLY C 286 0.73 5.48 16.30
N GLU C 287 1.33 4.62 15.45
CA GLU C 287 2.21 3.57 15.95
C GLU C 287 3.45 4.15 16.63
N ALA C 289 3.52 6.86 18.28
CA ALA C 289 3.09 7.44 19.55
C ALA C 289 2.60 6.41 20.56
N SER C 291 3.42 2.72 20.48
CA SER C 291 4.18 1.49 20.57
C SER C 291 5.65 1.76 20.88
N PRO C 292 6.36 0.80 21.48
CA PRO C 292 7.81 0.96 21.65
C PRO C 292 8.51 0.90 20.30
N GLN C 293 9.49 1.77 20.11
CA GLN C 293 10.26 1.82 18.87
C GLN C 293 11.75 1.80 19.19
N ALA C 294 12.50 0.97 18.48
CA ALA C 294 13.95 0.93 18.68
C ALA C 294 14.55 2.30 18.48
N ALA C 295 15.38 2.74 19.43
CA ALA C 295 16.03 4.04 19.35
C ALA C 295 17.54 3.83 19.28
N THR C 296 18.19 4.54 18.37
CA THR C 296 19.63 4.44 18.13
C THR C 296 20.29 5.77 18.45
N ALA C 297 21.16 5.79 19.46
CA ALA C 297 21.86 7.01 19.81
C ALA C 297 22.72 7.46 18.64
N ILE C 298 22.67 8.75 18.31
CA ILE C 298 23.39 9.26 17.15
C ILE C 298 24.17 10.50 17.52
N ALA C 299 25.08 10.89 16.63
N ALA C 299 24.98 10.96 16.55
CA ALA C 299 25.74 12.16 16.78
CA ALA C 299 25.58 12.28 16.53
C ALA C 299 24.72 13.27 16.55
C ALA C 299 24.58 13.28 15.95
N PRO C 300 24.84 14.40 17.24
N PRO C 300 24.50 14.48 16.51
CA PRO C 300 23.94 15.52 16.99
CA PRO C 300 23.44 15.42 16.14
C PRO C 300 23.94 15.90 15.53
C PRO C 300 23.66 16.01 14.75
N PRO C 301 22.85 15.66 14.80
N PRO C 301 22.64 16.01 13.90
CA PRO C 301 22.85 15.96 13.37
CA PRO C 301 22.72 16.80 12.66
C PRO C 301 22.91 17.45 13.09
C PRO C 301 22.82 18.29 12.98
N SER C 302 24.03 17.91 12.54
N SER C 302 23.35 19.06 12.02
CA SER C 302 24.14 19.31 12.16
CA SER C 302 23.72 20.44 12.32
C SER C 302 23.57 19.50 10.76
C SER C 302 24.08 21.28 11.11
N VAL C 303 22.52 18.76 10.43
N VAL C 303 24.02 20.73 9.90
CA VAL C 303 22.03 18.76 9.06
CA VAL C 303 24.34 21.47 8.69
C VAL C 303 21.60 20.18 8.71
C VAL C 303 23.26 21.21 7.65
N GLY C 304 22.16 20.68 7.60
N GLY C 304 23.08 22.17 6.74
CA GLY C 304 22.06 22.10 7.30
CA GLY C 304 22.01 22.07 5.77
C GLY C 304 20.63 22.56 7.14
C GLY C 304 20.66 22.49 6.36
N SER C 305 19.80 21.76 6.50
N SER C 305 19.61 21.84 5.88
CA SER C 305 18.38 22.07 6.33
CA SER C 305 18.25 22.18 6.28
C SER C 305 17.59 20.98 7.05
C SER C 305 17.61 21.02 7.05
N ALA C 306 16.96 21.34 8.15
CA ALA C 306 16.20 20.42 8.97
C ALA C 306 14.83 21.01 9.26
N LEU C 307 13.82 20.15 9.30
CA LEU C 307 12.49 20.53 9.75
C LEU C 307 12.30 19.99 11.16
N PHE C 308 11.73 20.82 12.04
CA PHE C 308 11.40 20.46 13.40
C PHE C 308 9.89 20.56 13.58
N ASN C 309 9.29 19.63 14.32
CA ASN C 309 7.85 19.71 14.53
C ASN C 309 7.45 19.10 15.85
N LYS C 310 6.20 19.34 16.24
CA LYS C 310 5.59 18.68 17.39
C LYS C 310 4.07 18.76 17.24
N THR C 311 3.41 17.61 17.34
CA THR C 311 1.96 17.55 17.46
C THR C 311 1.55 17.69 18.93
N GLY C 312 0.30 18.10 19.16
CA GLY C 312 -0.24 18.02 20.50
C GLY C 312 -1.75 18.03 20.48
N SER C 313 -2.34 17.34 21.47
CA SER C 313 -3.79 17.22 21.53
C SER C 313 -4.21 17.18 22.98
N THR C 314 -5.44 17.63 23.23
CA THR C 314 -6.15 17.32 24.45
C THR C 314 -7.51 16.75 24.06
N ASP C 315 -8.34 16.40 25.06
CA ASP C 315 -9.64 15.84 24.73
C ASP C 315 -10.44 16.73 23.78
N GLY C 316 -10.29 18.05 23.90
CA GLY C 316 -11.05 18.94 23.06
C GLY C 316 -10.27 19.77 22.06
N PHE C 317 -8.96 19.60 21.97
CA PHE C 317 -8.14 20.50 21.15
C PHE C 317 -7.11 19.71 20.34
N GLY C 318 -6.70 20.32 19.23
CA GLY C 318 -5.62 19.78 18.42
C GLY C 318 -4.64 20.87 18.00
N ALA C 319 -3.36 20.56 17.97
CA ALA C 319 -2.36 21.56 17.59
C ALA C 319 -1.24 20.90 16.77
N TYR C 320 -0.55 21.72 15.97
CA TYR C 320 0.66 21.28 15.26
C TYR C 320 1.58 22.48 15.02
N ALA C 321 2.89 22.30 15.21
CA ALA C 321 3.86 23.34 14.91
C ALA C 321 5.03 22.75 14.15
N ALA C 322 5.52 23.45 13.12
CA ALA C 322 6.63 22.93 12.34
C ALA C 322 7.41 24.12 11.80
N PHE C 323 8.74 23.97 11.71
CA PHE C 323 9.53 25.10 11.22
C PHE C 323 10.85 24.59 10.67
N VAL C 324 11.43 25.39 9.78
CA VAL C 324 12.68 25.07 9.09
C VAL C 324 13.62 26.25 9.28
N PRO C 325 14.55 26.19 10.24
CA PRO C 325 15.45 27.34 10.48
C PRO C 325 16.20 27.83 9.25
N GLU C 326 16.81 26.94 8.48
CA GLU C 326 17.64 27.42 7.38
C GLU C 326 16.83 28.18 6.32
N ARG C 327 15.56 27.81 6.15
N ARG C 327 15.55 27.85 6.16
CA ARG C 327 14.65 28.47 5.21
CA ARG C 327 14.70 28.55 5.21
C ARG C 327 13.88 29.62 5.84
C ARG C 327 13.86 29.66 5.83
N ARG C 328 13.94 29.78 7.15
N ARG C 328 13.94 29.83 7.16
CA ARG C 328 13.23 30.83 7.89
CA ARG C 328 13.20 30.89 7.87
C ARG C 328 11.72 30.80 7.61
C ARG C 328 11.69 30.82 7.62
N ILE C 329 11.14 29.59 7.56
CA ILE C 329 9.70 29.40 7.41
C ILE C 329 9.19 28.56 8.58
N GLY C 330 7.94 28.81 8.98
CA GLY C 330 7.35 28.09 10.09
C GLY C 330 5.84 28.26 10.07
N ILE C 331 5.17 27.36 10.75
CA ILE C 331 3.71 27.35 10.73
C ILE C 331 3.19 26.75 12.04
N VAL C 332 2.09 27.30 12.54
CA VAL C 332 1.40 26.71 13.68
C VAL C 332 -0.10 26.66 13.35
N LEU C 334 -3.74 25.82 15.57
CA LEU C 334 -4.43 25.53 16.81
C LEU C 334 -5.91 25.34 16.49
N ALA C 335 -6.54 24.29 17.03
CA ALA C 335 -7.93 24.03 16.74
C ALA C 335 -8.65 23.54 18.00
N ASN C 336 -9.95 23.82 18.08
CA ASN C 336 -10.70 23.39 19.25
C ASN C 336 -11.50 22.14 18.96
N LYS C 337 -10.87 21.24 18.19
CA LYS C 337 -11.28 19.85 18.13
C LYS C 337 -10.03 19.01 17.92
N ASN C 338 -9.96 17.87 18.61
CA ASN C 338 -8.83 16.96 18.45
C ASN C 338 -9.15 16.11 17.23
N PHE C 339 -8.73 16.57 16.05
CA PHE C 339 -8.99 15.82 14.83
C PHE C 339 -7.68 15.19 14.32
N PRO C 340 -7.75 14.22 13.39
CA PRO C 340 -6.60 13.34 13.16
C PRO C 340 -5.30 14.06 12.80
N ILE C 341 -4.22 13.60 13.45
CA ILE C 341 -2.90 14.20 13.22
C ILE C 341 -2.52 14.17 11.75
N PRO C 342 -2.75 13.09 10.98
CA PRO C 342 -2.35 13.13 9.55
C PRO C 342 -2.90 14.32 8.80
N ALA C 343 -4.14 14.73 9.10
CA ALA C 343 -4.72 15.88 8.40
C ALA C 343 -4.00 17.17 8.80
N ARG C 344 -3.62 17.32 10.07
CA ARG C 344 -2.87 18.50 10.49
C ARG C 344 -1.54 18.56 9.78
N VAL C 345 -0.83 17.42 9.75
CA VAL C 345 0.51 17.41 9.19
C VAL C 345 0.46 17.65 7.69
N THR C 346 -0.50 17.04 7.01
CA THR C 346 -0.63 17.22 5.57
C THR C 346 -0.89 18.69 5.23
N ALA C 347 -1.83 19.30 5.93
CA ALA C 347 -2.13 20.71 5.65
C ALA C 347 -0.88 21.57 5.81
N ALA C 348 -0.20 21.43 6.95
CA ALA C 348 0.98 22.24 7.23
C ALA C 348 2.10 21.99 6.22
N HIS C 349 2.35 20.72 5.89
CA HIS C 349 3.42 20.41 4.94
C HIS C 349 3.11 20.98 3.56
N THR C 350 1.85 20.91 3.14
CA THR C 350 1.45 21.46 1.84
C THR C 350 1.74 22.97 1.77
N VAL C 351 1.47 23.68 2.85
CA VAL C 351 1.71 25.13 2.87
C VAL C 351 3.20 25.42 2.84
N LEU C 352 3.98 24.75 3.68
CA LEU C 352 5.44 24.97 3.68
C LEU C 352 6.05 24.64 2.33
N ASP C 353 5.66 23.50 1.73
CA ASP C 353 6.18 23.12 0.41
C ASP C 353 5.86 24.15 -0.66
N ALA C 354 4.70 24.82 -0.53
CA ALA C 354 4.27 25.81 -1.52
C ALA C 354 5.13 27.07 -1.46
N LEU C 355 5.74 27.36 -0.31
CA LEU C 355 6.70 28.47 -0.21
C LEU C 355 8.00 28.06 -0.89
N ASP C 356 8.38 28.79 -1.93
CA ASP C 356 9.46 28.36 -2.84
C ASP C 356 9.12 27.01 -3.45
#